data_1XAS
# 
_entry.id   1XAS 
# 
_audit_conform.dict_name       mmcif_pdbx.dic 
_audit_conform.dict_version    5.386 
_audit_conform.dict_location   http://mmcif.pdb.org/dictionaries/ascii/mmcif_pdbx.dic 
# 
loop_
_database_2.database_id 
_database_2.database_code 
_database_2.pdbx_database_accession 
_database_2.pdbx_DOI 
PDB   1XAS         pdb_00001xas 10.2210/pdb1xas/pdb 
WWPDB D_1000177242 ?            ?                   
# 
loop_
_pdbx_audit_revision_history.ordinal 
_pdbx_audit_revision_history.data_content_type 
_pdbx_audit_revision_history.major_revision 
_pdbx_audit_revision_history.minor_revision 
_pdbx_audit_revision_history.revision_date 
1 'Structure model' 1 0 1995-05-31 
2 'Structure model' 1 1 2008-03-03 
3 'Structure model' 1 2 2011-07-13 
4 'Structure model' 1 3 2019-07-17 
5 'Structure model' 1 4 2019-08-14 
6 'Structure model' 1 5 2024-02-14 
# 
_pdbx_audit_revision_details.ordinal             1 
_pdbx_audit_revision_details.revision_ordinal    1 
_pdbx_audit_revision_details.data_content_type   'Structure model' 
_pdbx_audit_revision_details.provider            repository 
_pdbx_audit_revision_details.type                'Initial release' 
_pdbx_audit_revision_details.description         ? 
_pdbx_audit_revision_details.details             ? 
# 
loop_
_pdbx_audit_revision_group.ordinal 
_pdbx_audit_revision_group.revision_ordinal 
_pdbx_audit_revision_group.data_content_type 
_pdbx_audit_revision_group.group 
1 2 'Structure model' 'Version format compliance' 
2 3 'Structure model' 'Version format compliance' 
3 4 'Structure model' 'Data collection'           
4 4 'Structure model' Other                       
5 4 'Structure model' 'Refinement description'    
6 5 'Structure model' 'Data collection'           
7 5 'Structure model' 'Refinement description'    
8 6 'Structure model' 'Data collection'           
9 6 'Structure model' 'Database references'       
# 
loop_
_pdbx_audit_revision_category.ordinal 
_pdbx_audit_revision_category.revision_ordinal 
_pdbx_audit_revision_category.data_content_type 
_pdbx_audit_revision_category.category 
1 4 'Structure model' pdbx_database_status 
2 4 'Structure model' software             
3 5 'Structure model' software             
4 6 'Structure model' chem_comp_atom       
5 6 'Structure model' chem_comp_bond       
6 6 'Structure model' database_2           
# 
loop_
_pdbx_audit_revision_item.ordinal 
_pdbx_audit_revision_item.revision_ordinal 
_pdbx_audit_revision_item.data_content_type 
_pdbx_audit_revision_item.item 
1 4 'Structure model' '_pdbx_database_status.process_site'  
2 4 'Structure model' '_software.classification'            
3 5 'Structure model' '_software.classification'            
4 6 'Structure model' '_database_2.pdbx_DOI'                
5 6 'Structure model' '_database_2.pdbx_database_accession' 
# 
_pdbx_database_status.status_code                     REL 
_pdbx_database_status.entry_id                        1XAS 
_pdbx_database_status.recvd_initial_deposition_date   1994-05-31 
_pdbx_database_status.deposit_site                    ? 
_pdbx_database_status.process_site                    BNL 
_pdbx_database_status.SG_entry                        . 
_pdbx_database_status.pdb_format_compatible           Y 
_pdbx_database_status.status_code_mr                  ? 
_pdbx_database_status.status_code_sf                  ? 
_pdbx_database_status.status_code_cs                  ? 
_pdbx_database_status.methods_development_category    ? 
_pdbx_database_status.status_code_nmr_data            ? 
# 
loop_
_audit_author.name 
_audit_author.pdbx_ordinal 
'Derewenda, U.'   1 
'Derewenda, Z.S.' 2 
# 
_citation.id                        primary 
_citation.title                     
'Crystal structure, at 2.6-A resolution, of the Streptomyces lividans xylanase A, a member of the F family of beta-1,4-D-glycanases.' 
_citation.journal_abbrev            J.Biol.Chem. 
_citation.journal_volume            269 
_citation.page_first                20811 
_citation.page_last                 20814 
_citation.year                      1994 
_citation.journal_id_ASTM           JBCHA3 
_citation.country                   US 
_citation.journal_id_ISSN           0021-9258 
_citation.journal_id_CSD            0071 
_citation.book_publisher            ? 
_citation.pdbx_database_id_PubMed   8063693 
_citation.pdbx_database_id_DOI      ? 
# 
loop_
_citation_author.citation_id 
_citation_author.name 
_citation_author.ordinal 
_citation_author.identifier_ORCID 
primary 'Derewenda, U.'   1 ? 
primary 'Swenson, L.'     2 ? 
primary 'Green, R.'       3 ? 
primary 'Wei, Y.'         4 ? 
primary 'Morosoli, R.'    5 ? 
primary 'Shareck, F.'     6 ? 
primary 'Kluepfel, D.'    7 ? 
primary 'Derewenda, Z.S.' 8 ? 
# 
_entity.id                         1 
_entity.type                       polymer 
_entity.src_method                 man 
_entity.pdbx_description           '1,4-BETA-D-XYLAN XYLANOHYDROLASE' 
_entity.formula_weight             32971.395 
_entity.pdbx_number_of_molecules   1 
_entity.pdbx_ec                    3.2.1.8 
_entity.pdbx_mutation              ? 
_entity.pdbx_fragment              ? 
_entity.details                    ? 
# 
_entity_poly.entity_id                      1 
_entity_poly.type                           'polypeptide(L)' 
_entity_poly.nstd_linkage                   no 
_entity_poly.nstd_monomer                   no 
_entity_poly.pdbx_seq_one_letter_code       
;AESTLGAAAAQSGRYFGTAIASGRLSDSTYTSIAGREFNMVTAENEMKIDATEPQRGQFNFSSADRVYNWAVQNGKQVRG
HTLAWHSQQPGWMQSLSGRPLRQAMIDHINGVMAHYKGKIVQWDVVNEAFADGSSGARRDSNLQRSGNDWIEVAFRTARA
ADPSAKLCYNDYNVENWTWAKTQAMYNMVRDFKQRGVPIDCVGFQSHFNSGSPYNSNFRTTLQNFAALGVDVAITELDIQ
GAPASTYANVTNDCLAVSRCLGITVWGVRDSDSWRSEQTPLLFNNDGSKKAAYTAVLDA
;
_entity_poly.pdbx_seq_one_letter_code_can   
;AESTLGAAAAQSGRYFGTAIASGRLSDSTYTSIAGREFNMVTAENEMKIDATEPQRGQFNFSSADRVYNWAVQNGKQVRG
HTLAWHSQQPGWMQSLSGRPLRQAMIDHINGVMAHYKGKIVQWDVVNEAFADGSSGARRDSNLQRSGNDWIEVAFRTARA
ADPSAKLCYNDYNVENWTWAKTQAMYNMVRDFKQRGVPIDCVGFQSHFNSGSPYNSNFRTTLQNFAALGVDVAITELDIQ
GAPASTYANVTNDCLAVSRCLGITVWGVRDSDSWRSEQTPLLFNNDGSKKAAYTAVLDA
;
_entity_poly.pdbx_strand_id                 A 
_entity_poly.pdbx_target_identifier         ? 
# 
loop_
_entity_poly_seq.entity_id 
_entity_poly_seq.num 
_entity_poly_seq.mon_id 
_entity_poly_seq.hetero 
1 1   ALA n 
1 2   GLU n 
1 3   SER n 
1 4   THR n 
1 5   LEU n 
1 6   GLY n 
1 7   ALA n 
1 8   ALA n 
1 9   ALA n 
1 10  ALA n 
1 11  GLN n 
1 12  SER n 
1 13  GLY n 
1 14  ARG n 
1 15  TYR n 
1 16  PHE n 
1 17  GLY n 
1 18  THR n 
1 19  ALA n 
1 20  ILE n 
1 21  ALA n 
1 22  SER n 
1 23  GLY n 
1 24  ARG n 
1 25  LEU n 
1 26  SER n 
1 27  ASP n 
1 28  SER n 
1 29  THR n 
1 30  TYR n 
1 31  THR n 
1 32  SER n 
1 33  ILE n 
1 34  ALA n 
1 35  GLY n 
1 36  ARG n 
1 37  GLU n 
1 38  PHE n 
1 39  ASN n 
1 40  MET n 
1 41  VAL n 
1 42  THR n 
1 43  ALA n 
1 44  GLU n 
1 45  ASN n 
1 46  GLU n 
1 47  MET n 
1 48  LYS n 
1 49  ILE n 
1 50  ASP n 
1 51  ALA n 
1 52  THR n 
1 53  GLU n 
1 54  PRO n 
1 55  GLN n 
1 56  ARG n 
1 57  GLY n 
1 58  GLN n 
1 59  PHE n 
1 60  ASN n 
1 61  PHE n 
1 62  SER n 
1 63  SER n 
1 64  ALA n 
1 65  ASP n 
1 66  ARG n 
1 67  VAL n 
1 68  TYR n 
1 69  ASN n 
1 70  TRP n 
1 71  ALA n 
1 72  VAL n 
1 73  GLN n 
1 74  ASN n 
1 75  GLY n 
1 76  LYS n 
1 77  GLN n 
1 78  VAL n 
1 79  ARG n 
1 80  GLY n 
1 81  HIS n 
1 82  THR n 
1 83  LEU n 
1 84  ALA n 
1 85  TRP n 
1 86  HIS n 
1 87  SER n 
1 88  GLN n 
1 89  GLN n 
1 90  PRO n 
1 91  GLY n 
1 92  TRP n 
1 93  MET n 
1 94  GLN n 
1 95  SER n 
1 96  LEU n 
1 97  SER n 
1 98  GLY n 
1 99  ARG n 
1 100 PRO n 
1 101 LEU n 
1 102 ARG n 
1 103 GLN n 
1 104 ALA n 
1 105 MET n 
1 106 ILE n 
1 107 ASP n 
1 108 HIS n 
1 109 ILE n 
1 110 ASN n 
1 111 GLY n 
1 112 VAL n 
1 113 MET n 
1 114 ALA n 
1 115 HIS n 
1 116 TYR n 
1 117 LYS n 
1 118 GLY n 
1 119 LYS n 
1 120 ILE n 
1 121 VAL n 
1 122 GLN n 
1 123 TRP n 
1 124 ASP n 
1 125 VAL n 
1 126 VAL n 
1 127 ASN n 
1 128 GLU n 
1 129 ALA n 
1 130 PHE n 
1 131 ALA n 
1 132 ASP n 
1 133 GLY n 
1 134 SER n 
1 135 SER n 
1 136 GLY n 
1 137 ALA n 
1 138 ARG n 
1 139 ARG n 
1 140 ASP n 
1 141 SER n 
1 142 ASN n 
1 143 LEU n 
1 144 GLN n 
1 145 ARG n 
1 146 SER n 
1 147 GLY n 
1 148 ASN n 
1 149 ASP n 
1 150 TRP n 
1 151 ILE n 
1 152 GLU n 
1 153 VAL n 
1 154 ALA n 
1 155 PHE n 
1 156 ARG n 
1 157 THR n 
1 158 ALA n 
1 159 ARG n 
1 160 ALA n 
1 161 ALA n 
1 162 ASP n 
1 163 PRO n 
1 164 SER n 
1 165 ALA n 
1 166 LYS n 
1 167 LEU n 
1 168 CYS n 
1 169 TYR n 
1 170 ASN n 
1 171 ASP n 
1 172 TYR n 
1 173 ASN n 
1 174 VAL n 
1 175 GLU n 
1 176 ASN n 
1 177 TRP n 
1 178 THR n 
1 179 TRP n 
1 180 ALA n 
1 181 LYS n 
1 182 THR n 
1 183 GLN n 
1 184 ALA n 
1 185 MET n 
1 186 TYR n 
1 187 ASN n 
1 188 MET n 
1 189 VAL n 
1 190 ARG n 
1 191 ASP n 
1 192 PHE n 
1 193 LYS n 
1 194 GLN n 
1 195 ARG n 
1 196 GLY n 
1 197 VAL n 
1 198 PRO n 
1 199 ILE n 
1 200 ASP n 
1 201 CYS n 
1 202 VAL n 
1 203 GLY n 
1 204 PHE n 
1 205 GLN n 
1 206 SER n 
1 207 HIS n 
1 208 PHE n 
1 209 ASN n 
1 210 SER n 
1 211 GLY n 
1 212 SER n 
1 213 PRO n 
1 214 TYR n 
1 215 ASN n 
1 216 SER n 
1 217 ASN n 
1 218 PHE n 
1 219 ARG n 
1 220 THR n 
1 221 THR n 
1 222 LEU n 
1 223 GLN n 
1 224 ASN n 
1 225 PHE n 
1 226 ALA n 
1 227 ALA n 
1 228 LEU n 
1 229 GLY n 
1 230 VAL n 
1 231 ASP n 
1 232 VAL n 
1 233 ALA n 
1 234 ILE n 
1 235 THR n 
1 236 GLU n 
1 237 LEU n 
1 238 ASP n 
1 239 ILE n 
1 240 GLN n 
1 241 GLY n 
1 242 ALA n 
1 243 PRO n 
1 244 ALA n 
1 245 SER n 
1 246 THR n 
1 247 TYR n 
1 248 ALA n 
1 249 ASN n 
1 250 VAL n 
1 251 THR n 
1 252 ASN n 
1 253 ASP n 
1 254 CYS n 
1 255 LEU n 
1 256 ALA n 
1 257 VAL n 
1 258 SER n 
1 259 ARG n 
1 260 CYS n 
1 261 LEU n 
1 262 GLY n 
1 263 ILE n 
1 264 THR n 
1 265 VAL n 
1 266 TRP n 
1 267 GLY n 
1 268 VAL n 
1 269 ARG n 
1 270 ASP n 
1 271 SER n 
1 272 ASP n 
1 273 SER n 
1 274 TRP n 
1 275 ARG n 
1 276 SER n 
1 277 GLU n 
1 278 GLN n 
1 279 THR n 
1 280 PRO n 
1 281 LEU n 
1 282 LEU n 
1 283 PHE n 
1 284 ASN n 
1 285 ASN n 
1 286 ASP n 
1 287 GLY n 
1 288 SER n 
1 289 LYS n 
1 290 LYS n 
1 291 ALA n 
1 292 ALA n 
1 293 TYR n 
1 294 THR n 
1 295 ALA n 
1 296 VAL n 
1 297 LEU n 
1 298 ASP n 
1 299 ALA n 
# 
_entity_src_gen.entity_id                          1 
_entity_src_gen.pdbx_src_id                        1 
_entity_src_gen.pdbx_alt_source_flag               sample 
_entity_src_gen.pdbx_seq_type                      ? 
_entity_src_gen.pdbx_beg_seq_num                   ? 
_entity_src_gen.pdbx_end_seq_num                   ? 
_entity_src_gen.gene_src_common_name               ? 
_entity_src_gen.gene_src_genus                     Streptomyces 
_entity_src_gen.pdbx_gene_src_gene                 ? 
_entity_src_gen.gene_src_species                   ? 
_entity_src_gen.gene_src_strain                    ? 
_entity_src_gen.gene_src_tissue                    ? 
_entity_src_gen.gene_src_tissue_fraction           ? 
_entity_src_gen.gene_src_details                   ? 
_entity_src_gen.pdbx_gene_src_fragment             ? 
_entity_src_gen.pdbx_gene_src_scientific_name      'Streptomyces lividans' 
_entity_src_gen.pdbx_gene_src_ncbi_taxonomy_id     1916 
_entity_src_gen.pdbx_gene_src_variant              ? 
_entity_src_gen.pdbx_gene_src_cell_line            ? 
_entity_src_gen.pdbx_gene_src_atcc                 ? 
_entity_src_gen.pdbx_gene_src_organ                ? 
_entity_src_gen.pdbx_gene_src_organelle            ? 
_entity_src_gen.pdbx_gene_src_cell                 ? 
_entity_src_gen.pdbx_gene_src_cellular_location    ? 
_entity_src_gen.host_org_common_name               ? 
_entity_src_gen.pdbx_host_org_scientific_name      ? 
_entity_src_gen.pdbx_host_org_ncbi_taxonomy_id     ? 
_entity_src_gen.host_org_genus                     ? 
_entity_src_gen.pdbx_host_org_gene                 ? 
_entity_src_gen.pdbx_host_org_organ                ? 
_entity_src_gen.host_org_species                   ? 
_entity_src_gen.pdbx_host_org_tissue               ? 
_entity_src_gen.pdbx_host_org_tissue_fraction      ? 
_entity_src_gen.pdbx_host_org_strain               ? 
_entity_src_gen.pdbx_host_org_variant              ? 
_entity_src_gen.pdbx_host_org_cell_line            ? 
_entity_src_gen.pdbx_host_org_atcc                 ? 
_entity_src_gen.pdbx_host_org_culture_collection   ? 
_entity_src_gen.pdbx_host_org_cell                 ? 
_entity_src_gen.pdbx_host_org_organelle            ? 
_entity_src_gen.pdbx_host_org_cellular_location    ? 
_entity_src_gen.pdbx_host_org_vector_type          ? 
_entity_src_gen.pdbx_host_org_vector               ? 
_entity_src_gen.host_org_details                   ? 
_entity_src_gen.expression_system_id               ? 
_entity_src_gen.plasmid_name                       ? 
_entity_src_gen.plasmid_details                    ? 
_entity_src_gen.pdbx_description                   ? 
# 
loop_
_chem_comp.id 
_chem_comp.type 
_chem_comp.mon_nstd_flag 
_chem_comp.name 
_chem_comp.pdbx_synonyms 
_chem_comp.formula 
_chem_comp.formula_weight 
ALA 'L-peptide linking' y ALANINE         ? 'C3 H7 N O2'     89.093  
ARG 'L-peptide linking' y ARGININE        ? 'C6 H15 N4 O2 1' 175.209 
ASN 'L-peptide linking' y ASPARAGINE      ? 'C4 H8 N2 O3'    132.118 
ASP 'L-peptide linking' y 'ASPARTIC ACID' ? 'C4 H7 N O4'     133.103 
CYS 'L-peptide linking' y CYSTEINE        ? 'C3 H7 N O2 S'   121.158 
GLN 'L-peptide linking' y GLUTAMINE       ? 'C5 H10 N2 O3'   146.144 
GLU 'L-peptide linking' y 'GLUTAMIC ACID' ? 'C5 H9 N O4'     147.129 
GLY 'peptide linking'   y GLYCINE         ? 'C2 H5 N O2'     75.067  
HIS 'L-peptide linking' y HISTIDINE       ? 'C6 H10 N3 O2 1' 156.162 
ILE 'L-peptide linking' y ISOLEUCINE      ? 'C6 H13 N O2'    131.173 
LEU 'L-peptide linking' y LEUCINE         ? 'C6 H13 N O2'    131.173 
LYS 'L-peptide linking' y LYSINE          ? 'C6 H15 N2 O2 1' 147.195 
MET 'L-peptide linking' y METHIONINE      ? 'C5 H11 N O2 S'  149.211 
PHE 'L-peptide linking' y PHENYLALANINE   ? 'C9 H11 N O2'    165.189 
PRO 'L-peptide linking' y PROLINE         ? 'C5 H9 N O2'     115.130 
SER 'L-peptide linking' y SERINE          ? 'C3 H7 N O3'     105.093 
THR 'L-peptide linking' y THREONINE       ? 'C4 H9 N O3'     119.119 
TRP 'L-peptide linking' y TRYPTOPHAN      ? 'C11 H12 N2 O2'  204.225 
TYR 'L-peptide linking' y TYROSINE        ? 'C9 H11 N O3'    181.189 
VAL 'L-peptide linking' y VALINE          ? 'C5 H11 N O2'    117.146 
# 
loop_
_pdbx_poly_seq_scheme.asym_id 
_pdbx_poly_seq_scheme.entity_id 
_pdbx_poly_seq_scheme.seq_id 
_pdbx_poly_seq_scheme.mon_id 
_pdbx_poly_seq_scheme.ndb_seq_num 
_pdbx_poly_seq_scheme.pdb_seq_num 
_pdbx_poly_seq_scheme.auth_seq_num 
_pdbx_poly_seq_scheme.pdb_mon_id 
_pdbx_poly_seq_scheme.auth_mon_id 
_pdbx_poly_seq_scheme.pdb_strand_id 
_pdbx_poly_seq_scheme.pdb_ins_code 
_pdbx_poly_seq_scheme.hetero 
A 1 1   ALA 1   1   ?   ?   ?   A . n 
A 1 2   GLU 2   2   ?   ?   ?   A . n 
A 1 3   SER 3   3   ?   ?   ?   A . n 
A 1 4   THR 4   4   ?   ?   ?   A . n 
A 1 5   LEU 5   5   5   LEU LEU A . n 
A 1 6   GLY 6   6   6   GLY GLY A . n 
A 1 7   ALA 7   7   7   ALA ALA A . n 
A 1 8   ALA 8   8   8   ALA ALA A . n 
A 1 9   ALA 9   9   9   ALA ALA A . n 
A 1 10  ALA 10  10  10  ALA ALA A . n 
A 1 11  GLN 11  11  11  GLN GLN A . n 
A 1 12  SER 12  12  12  SER SER A . n 
A 1 13  GLY 13  13  13  GLY GLY A . n 
A 1 14  ARG 14  14  14  ARG ARG A . n 
A 1 15  TYR 15  15  15  TYR TYR A . n 
A 1 16  PHE 16  16  16  PHE PHE A . n 
A 1 17  GLY 17  17  17  GLY GLY A . n 
A 1 18  THR 18  18  18  THR THR A . n 
A 1 19  ALA 19  19  19  ALA ALA A . n 
A 1 20  ILE 20  20  20  ILE ILE A . n 
A 1 21  ALA 21  21  21  ALA ALA A . n 
A 1 22  SER 22  22  22  SER SER A . n 
A 1 23  GLY 23  23  23  GLY GLY A . n 
A 1 24  ARG 24  24  24  ARG ARG A . n 
A 1 25  LEU 25  25  25  LEU LEU A . n 
A 1 26  SER 26  26  26  SER SER A . n 
A 1 27  ASP 27  27  27  ASP ASP A . n 
A 1 28  SER 28  28  28  SER SER A . n 
A 1 29  THR 29  29  29  THR THR A . n 
A 1 30  TYR 30  30  30  TYR TYR A . n 
A 1 31  THR 31  31  31  THR THR A . n 
A 1 32  SER 32  32  32  SER SER A . n 
A 1 33  ILE 33  33  33  ILE ILE A . n 
A 1 34  ALA 34  34  34  ALA ALA A . n 
A 1 35  GLY 35  35  35  GLY GLY A . n 
A 1 36  ARG 36  36  36  ARG ARG A . n 
A 1 37  GLU 37  37  37  GLU GLU A . n 
A 1 38  PHE 38  38  38  PHE PHE A . n 
A 1 39  ASN 39  39  39  ASN ASN A . n 
A 1 40  MET 40  40  40  MET MET A . n 
A 1 41  VAL 41  41  41  VAL VAL A . n 
A 1 42  THR 42  42  42  THR THR A . n 
A 1 43  ALA 43  43  43  ALA ALA A . n 
A 1 44  GLU 44  44  44  GLU GLU A . n 
A 1 45  ASN 45  45  45  ASN ASN A . n 
A 1 46  GLU 46  46  46  GLU GLU A . n 
A 1 47  MET 47  47  47  MET MET A . n 
A 1 48  LYS 48  48  48  LYS LYS A . n 
A 1 49  ILE 49  49  49  ILE ILE A . n 
A 1 50  ASP 50  50  50  ASP ASP A . n 
A 1 51  ALA 51  51  51  ALA ALA A . n 
A 1 52  THR 52  52  52  THR THR A . n 
A 1 53  GLU 53  53  53  GLU GLU A . n 
A 1 54  PRO 54  54  54  PRO PRO A . n 
A 1 55  GLN 55  55  55  GLN GLN A . n 
A 1 56  ARG 56  56  56  ARG ARG A . n 
A 1 57  GLY 57  57  57  GLY GLY A . n 
A 1 58  GLN 58  58  58  GLN GLN A . n 
A 1 59  PHE 59  59  59  PHE PHE A . n 
A 1 60  ASN 60  60  60  ASN ASN A . n 
A 1 61  PHE 61  61  61  PHE PHE A . n 
A 1 62  SER 62  62  62  SER SER A . n 
A 1 63  SER 63  63  63  SER SER A . n 
A 1 64  ALA 64  64  64  ALA ALA A . n 
A 1 65  ASP 65  65  65  ASP ASP A . n 
A 1 66  ARG 66  66  66  ARG ARG A . n 
A 1 67  VAL 67  67  67  VAL VAL A . n 
A 1 68  TYR 68  68  68  TYR TYR A . n 
A 1 69  ASN 69  69  69  ASN ASN A . n 
A 1 70  TRP 70  70  70  TRP TRP A . n 
A 1 71  ALA 71  71  71  ALA ALA A . n 
A 1 72  VAL 72  72  72  VAL VAL A . n 
A 1 73  GLN 73  73  73  GLN GLN A . n 
A 1 74  ASN 74  74  74  ASN ASN A . n 
A 1 75  GLY 75  75  75  GLY GLY A . n 
A 1 76  LYS 76  76  76  LYS LYS A . n 
A 1 77  GLN 77  77  77  GLN GLN A . n 
A 1 78  VAL 78  78  78  VAL VAL A . n 
A 1 79  ARG 79  79  79  ARG ARG A . n 
A 1 80  GLY 80  80  80  GLY GLY A . n 
A 1 81  HIS 81  81  81  HIS HIS A . n 
A 1 82  THR 82  82  82  THR THR A . n 
A 1 83  LEU 83  83  83  LEU LEU A . n 
A 1 84  ALA 84  84  84  ALA ALA A . n 
A 1 85  TRP 85  85  85  TRP TRP A . n 
A 1 86  HIS 86  86  86  HIS HIS A . n 
A 1 87  SER 87  87  87  SER SER A . n 
A 1 88  GLN 88  88  88  GLN GLN A . n 
A 1 89  GLN 89  89  89  GLN GLN A . n 
A 1 90  PRO 90  90  90  PRO PRO A . n 
A 1 91  GLY 91  91  91  GLY GLY A . n 
A 1 92  TRP 92  92  92  TRP TRP A . n 
A 1 93  MET 93  93  93  MET MET A . n 
A 1 94  GLN 94  94  94  GLN GLN A . n 
A 1 95  SER 95  95  95  SER SER A . n 
A 1 96  LEU 96  96  96  LEU LEU A . n 
A 1 97  SER 97  97  97  SER SER A . n 
A 1 98  GLY 98  98  98  GLY GLY A . n 
A 1 99  ARG 99  99  99  ARG ARG A . n 
A 1 100 PRO 100 100 100 PRO PRO A . n 
A 1 101 LEU 101 101 101 LEU LEU A . n 
A 1 102 ARG 102 102 102 ARG ARG A . n 
A 1 103 GLN 103 103 103 GLN GLN A . n 
A 1 104 ALA 104 104 104 ALA ALA A . n 
A 1 105 MET 105 105 105 MET MET A . n 
A 1 106 ILE 106 106 106 ILE ILE A . n 
A 1 107 ASP 107 107 107 ASP ASP A . n 
A 1 108 HIS 108 108 108 HIS HIS A . n 
A 1 109 ILE 109 109 109 ILE ILE A . n 
A 1 110 ASN 110 110 110 ASN ASN A . n 
A 1 111 GLY 111 111 111 GLY GLY A . n 
A 1 112 VAL 112 112 112 VAL VAL A . n 
A 1 113 MET 113 113 113 MET MET A . n 
A 1 114 ALA 114 114 114 ALA ALA A . n 
A 1 115 HIS 115 115 115 HIS HIS A . n 
A 1 116 TYR 116 116 116 TYR TYR A . n 
A 1 117 LYS 117 117 117 LYS LYS A . n 
A 1 118 GLY 118 118 118 GLY GLY A . n 
A 1 119 LYS 119 119 119 LYS LYS A . n 
A 1 120 ILE 120 120 120 ILE ILE A . n 
A 1 121 VAL 121 121 121 VAL VAL A . n 
A 1 122 GLN 122 122 122 GLN GLN A . n 
A 1 123 TRP 123 123 123 TRP TRP A . n 
A 1 124 ASP 124 124 124 ASP ASP A . n 
A 1 125 VAL 125 125 125 VAL VAL A . n 
A 1 126 VAL 126 126 126 VAL VAL A . n 
A 1 127 ASN 127 127 127 ASN ASN A . n 
A 1 128 GLU 128 128 128 GLU GLU A . n 
A 1 129 ALA 129 129 129 ALA ALA A . n 
A 1 130 PHE 130 130 130 PHE PHE A . n 
A 1 131 ALA 131 131 131 ALA ALA A . n 
A 1 132 ASP 132 132 132 ASP ASP A . n 
A 1 133 GLY 133 133 133 GLY GLY A . n 
A 1 134 SER 134 134 134 SER SER A . n 
A 1 135 SER 135 135 135 SER SER A . n 
A 1 136 GLY 136 136 136 GLY GLY A . n 
A 1 137 ALA 137 137 137 ALA ALA A . n 
A 1 138 ARG 138 138 138 ARG ARG A . n 
A 1 139 ARG 139 139 139 ARG ARG A . n 
A 1 140 ASP 140 140 140 ASP ASP A . n 
A 1 141 SER 141 141 141 SER SER A . n 
A 1 142 ASN 142 142 142 ASN ASN A . n 
A 1 143 LEU 143 143 143 LEU LEU A . n 
A 1 144 GLN 144 144 144 GLN GLN A . n 
A 1 145 ARG 145 145 145 ARG ARG A . n 
A 1 146 SER 146 146 146 SER SER A . n 
A 1 147 GLY 147 147 147 GLY GLY A . n 
A 1 148 ASN 148 148 148 ASN ASN A . n 
A 1 149 ASP 149 149 149 ASP ASP A . n 
A 1 150 TRP 150 150 150 TRP TRP A . n 
A 1 151 ILE 151 151 151 ILE ILE A . n 
A 1 152 GLU 152 152 152 GLU GLU A . n 
A 1 153 VAL 153 153 153 VAL VAL A . n 
A 1 154 ALA 154 154 154 ALA ALA A . n 
A 1 155 PHE 155 155 155 PHE PHE A . n 
A 1 156 ARG 156 156 156 ARG ARG A . n 
A 1 157 THR 157 157 157 THR THR A . n 
A 1 158 ALA 158 158 158 ALA ALA A . n 
A 1 159 ARG 159 159 159 ARG ARG A . n 
A 1 160 ALA 160 160 160 ALA ALA A . n 
A 1 161 ALA 161 161 161 ALA ALA A . n 
A 1 162 ASP 162 162 162 ASP ASP A . n 
A 1 163 PRO 163 163 163 PRO PRO A . n 
A 1 164 SER 164 164 164 SER SER A . n 
A 1 165 ALA 165 165 165 ALA ALA A . n 
A 1 166 LYS 166 166 166 LYS LYS A . n 
A 1 167 LEU 167 167 167 LEU LEU A . n 
A 1 168 CYS 168 168 168 CYS CYS A . n 
A 1 169 TYR 169 169 169 TYR TYR A . n 
A 1 170 ASN 170 170 170 ASN ASN A . n 
A 1 171 ASP 171 171 171 ASP ASP A . n 
A 1 172 TYR 172 172 172 TYR TYR A . n 
A 1 173 ASN 173 173 173 ASN ASN A . n 
A 1 174 VAL 174 174 174 VAL VAL A . n 
A 1 175 GLU 175 175 175 GLU GLU A . n 
A 1 176 ASN 176 176 176 ASN ASN A . n 
A 1 177 TRP 177 177 177 TRP TRP A . n 
A 1 178 THR 178 178 178 THR THR A . n 
A 1 179 TRP 179 179 179 TRP TRP A . n 
A 1 180 ALA 180 180 180 ALA ALA A . n 
A 1 181 LYS 181 181 181 LYS LYS A . n 
A 1 182 THR 182 182 182 THR THR A . n 
A 1 183 GLN 183 183 183 GLN GLN A . n 
A 1 184 ALA 184 184 184 ALA ALA A . n 
A 1 185 MET 185 185 185 MET MET A . n 
A 1 186 TYR 186 186 186 TYR TYR A . n 
A 1 187 ASN 187 187 187 ASN ASN A . n 
A 1 188 MET 188 188 188 MET MET A . n 
A 1 189 VAL 189 189 189 VAL VAL A . n 
A 1 190 ARG 190 190 190 ARG ARG A . n 
A 1 191 ASP 191 191 191 ASP ASP A . n 
A 1 192 PHE 192 192 192 PHE PHE A . n 
A 1 193 LYS 193 193 193 LYS LYS A . n 
A 1 194 GLN 194 194 194 GLN GLN A . n 
A 1 195 ARG 195 195 195 ARG ARG A . n 
A 1 196 GLY 196 196 196 GLY GLY A . n 
A 1 197 VAL 197 197 197 VAL VAL A . n 
A 1 198 PRO 198 198 198 PRO PRO A . n 
A 1 199 ILE 199 199 199 ILE ILE A . n 
A 1 200 ASP 200 200 200 ASP ASP A . n 
A 1 201 CYS 201 201 201 CYS CYS A . n 
A 1 202 VAL 202 202 202 VAL VAL A . n 
A 1 203 GLY 203 203 203 GLY GLY A . n 
A 1 204 PHE 204 204 204 PHE PHE A . n 
A 1 205 GLN 205 205 205 GLN GLN A . n 
A 1 206 SER 206 206 206 SER SER A . n 
A 1 207 HIS 207 207 207 HIS HIS A . n 
A 1 208 PHE 208 208 208 PHE PHE A . n 
A 1 209 ASN 209 209 209 ASN ASN A . n 
A 1 210 SER 210 210 210 SER SER A . n 
A 1 211 GLY 211 211 211 GLY GLY A . n 
A 1 212 SER 212 212 212 SER SER A . n 
A 1 213 PRO 213 213 213 PRO PRO A . n 
A 1 214 TYR 214 214 214 TYR TYR A . n 
A 1 215 ASN 215 215 215 ASN ASN A . n 
A 1 216 SER 216 216 216 SER SER A . n 
A 1 217 ASN 217 217 217 ASN ASN A . n 
A 1 218 PHE 218 218 218 PHE PHE A . n 
A 1 219 ARG 219 219 219 ARG ARG A . n 
A 1 220 THR 220 220 220 THR THR A . n 
A 1 221 THR 221 221 221 THR THR A . n 
A 1 222 LEU 222 222 222 LEU LEU A . n 
A 1 223 GLN 223 223 223 GLN GLN A . n 
A 1 224 ASN 224 224 224 ASN ASN A . n 
A 1 225 PHE 225 225 225 PHE PHE A . n 
A 1 226 ALA 226 226 226 ALA ALA A . n 
A 1 227 ALA 227 227 227 ALA ALA A . n 
A 1 228 LEU 228 228 228 LEU LEU A . n 
A 1 229 GLY 229 229 229 GLY GLY A . n 
A 1 230 VAL 230 230 230 VAL VAL A . n 
A 1 231 ASP 231 231 231 ASP ASP A . n 
A 1 232 VAL 232 232 232 VAL VAL A . n 
A 1 233 ALA 233 233 233 ALA ALA A . n 
A 1 234 ILE 234 234 234 ILE ILE A . n 
A 1 235 THR 235 235 235 THR THR A . n 
A 1 236 GLU 236 236 236 GLU GLU A . n 
A 1 237 LEU 237 237 237 LEU LEU A . n 
A 1 238 ASP 238 238 238 ASP ASP A . n 
A 1 239 ILE 239 239 239 ILE ILE A . n 
A 1 240 GLN 240 240 240 GLN GLN A . n 
A 1 241 GLY 241 241 241 GLY GLY A . n 
A 1 242 ALA 242 242 242 ALA ALA A . n 
A 1 243 PRO 243 243 243 PRO PRO A . n 
A 1 244 ALA 244 244 244 ALA ALA A . n 
A 1 245 SER 245 245 245 SER SER A . n 
A 1 246 THR 246 246 246 THR THR A . n 
A 1 247 TYR 247 247 247 TYR TYR A . n 
A 1 248 ALA 248 248 248 ALA ALA A . n 
A 1 249 ASN 249 249 249 ASN ASN A . n 
A 1 250 VAL 250 250 250 VAL VAL A . n 
A 1 251 THR 251 251 251 THR THR A . n 
A 1 252 ASN 252 252 252 ASN ASN A . n 
A 1 253 ASP 253 253 253 ASP ASP A . n 
A 1 254 CYS 254 254 254 CYS CYS A . n 
A 1 255 LEU 255 255 255 LEU LEU A . n 
A 1 256 ALA 256 256 256 ALA ALA A . n 
A 1 257 VAL 257 257 257 VAL VAL A . n 
A 1 258 SER 258 258 258 SER SER A . n 
A 1 259 ARG 259 259 259 ARG ARG A . n 
A 1 260 CYS 260 260 260 CYS CYS A . n 
A 1 261 LEU 261 261 261 LEU LEU A . n 
A 1 262 GLY 262 262 262 GLY GLY A . n 
A 1 263 ILE 263 263 263 ILE ILE A . n 
A 1 264 THR 264 264 264 THR THR A . n 
A 1 265 VAL 265 265 265 VAL VAL A . n 
A 1 266 TRP 266 266 266 TRP TRP A . n 
A 1 267 GLY 267 267 267 GLY GLY A . n 
A 1 268 VAL 268 268 268 VAL VAL A . n 
A 1 269 ARG 269 269 269 ARG ARG A . n 
A 1 270 ASP 270 270 270 ASP ASP A . n 
A 1 271 SER 271 271 271 SER SER A . n 
A 1 272 ASP 272 272 272 ASP ASP A . n 
A 1 273 SER 273 273 273 SER SER A . n 
A 1 274 TRP 274 274 274 TRP TRP A . n 
A 1 275 ARG 275 275 275 ARG ARG A . n 
A 1 276 SER 276 276 276 SER SER A . n 
A 1 277 GLU 277 277 277 GLU GLU A . n 
A 1 278 GLN 278 278 278 GLN GLN A . n 
A 1 279 THR 279 279 279 THR THR A . n 
A 1 280 PRO 280 280 280 PRO PRO A . n 
A 1 281 LEU 281 281 281 LEU LEU A . n 
A 1 282 LEU 282 282 282 LEU LEU A . n 
A 1 283 PHE 283 283 283 PHE PHE A . n 
A 1 284 ASN 284 284 284 ASN ASN A . n 
A 1 285 ASN 285 285 285 ASN ASN A . n 
A 1 286 ASP 286 286 286 ASP ASP A . n 
A 1 287 GLY 287 287 287 GLY GLY A . n 
A 1 288 SER 288 288 288 SER SER A . n 
A 1 289 LYS 289 289 289 LYS LYS A . n 
A 1 290 LYS 290 290 290 LYS LYS A . n 
A 1 291 ALA 291 291 291 ALA ALA A . n 
A 1 292 ALA 292 292 292 ALA ALA A . n 
A 1 293 TYR 293 293 293 TYR TYR A . n 
A 1 294 THR 294 294 294 THR THR A . n 
A 1 295 ALA 295 295 295 ALA ALA A . n 
A 1 296 VAL 296 296 296 VAL VAL A . n 
A 1 297 LEU 297 297 297 LEU LEU A . n 
A 1 298 ASP 298 298 298 ASP ASP A . n 
A 1 299 ALA 299 299 299 ALA ALA A . n 
# 
loop_
_software.name 
_software.classification 
_software.version 
_software.citation_id 
_software.pdbx_ordinal 
X-PLOR 'model building' . ? 1 
PROLSQ refinement       . ? 2 
X-PLOR refinement       . ? 3 
X-PLOR phasing          . ? 4 
# 
_cell.entry_id           1XAS 
_cell.length_a           69.520 
_cell.length_b           46.510 
_cell.length_c           85.500 
_cell.angle_alpha        90.00 
_cell.angle_beta         90.00 
_cell.angle_gamma        90.00 
_cell.Z_PDB              4 
_cell.pdbx_unique_axis   ? 
# 
_symmetry.entry_id                         1XAS 
_symmetry.space_group_name_H-M             'P 21 21 21' 
_symmetry.pdbx_full_space_group_name_H-M   ? 
_symmetry.cell_setting                     ? 
_symmetry.Int_Tables_number                19 
# 
_exptl.entry_id          1XAS 
_exptl.method            'X-RAY DIFFRACTION' 
_exptl.crystals_number   ? 
# 
_exptl_crystal.id                    1 
_exptl_crystal.density_meas          ? 
_exptl_crystal.density_Matthews      2.10 
_exptl_crystal.density_percent_sol   41.31 
_exptl_crystal.description           ? 
# 
_diffrn.id                     1 
_diffrn.crystal_id             1 
_diffrn.ambient_temp           ? 
_diffrn.ambient_temp_details   ? 
# 
_refine.entry_id                                 1XAS 
_refine.ls_number_reflns_obs                     8008 
_refine.ls_number_reflns_all                     ? 
_refine.pdbx_ls_sigma_I                          ? 
_refine.pdbx_ls_sigma_F                          1.0 
_refine.pdbx_data_cutoff_high_absF               ? 
_refine.pdbx_data_cutoff_low_absF                ? 
_refine.pdbx_data_cutoff_high_rms_absF           ? 
_refine.ls_d_res_low                             10.0 
_refine.ls_d_res_high                            2.6 
_refine.ls_percent_reflns_obs                    ? 
_refine.ls_R_factor_obs                          0.2100000 
_refine.ls_R_factor_all                          ? 
_refine.ls_R_factor_R_work                       0.2100000 
_refine.ls_R_factor_R_free                       ? 
_refine.ls_R_factor_R_free_error                 ? 
_refine.ls_R_factor_R_free_error_details         ? 
_refine.ls_percent_reflns_R_free                 ? 
_refine.ls_number_reflns_R_free                  ? 
_refine.ls_number_parameters                     ? 
_refine.ls_number_restraints                     ? 
_refine.occupancy_min                            ? 
_refine.occupancy_max                            ? 
_refine.B_iso_mean                               ? 
_refine.aniso_B[1][1]                            ? 
_refine.aniso_B[2][2]                            ? 
_refine.aniso_B[3][3]                            ? 
_refine.aniso_B[1][2]                            ? 
_refine.aniso_B[1][3]                            ? 
_refine.aniso_B[2][3]                            ? 
_refine.solvent_model_details                    ? 
_refine.solvent_model_param_ksol                 ? 
_refine.solvent_model_param_bsol                 ? 
_refine.pdbx_ls_cross_valid_method               ? 
_refine.details                                  ? 
_refine.pdbx_starting_model                      ? 
_refine.pdbx_method_to_determine_struct          ? 
_refine.pdbx_isotropic_thermal_model             ? 
_refine.pdbx_stereochemistry_target_values       ? 
_refine.pdbx_stereochem_target_val_spec_case     ? 
_refine.pdbx_R_Free_selection_details            ? 
_refine.pdbx_overall_ESU_R                       ? 
_refine.pdbx_overall_ESU_R_Free                  ? 
_refine.overall_SU_ML                            ? 
_refine.overall_SU_B                             ? 
_refine.pdbx_refine_id                           'X-RAY DIFFRACTION' 
_refine.pdbx_diffrn_id                           1 
_refine.pdbx_TLS_residual_ADP_flag               ? 
_refine.correlation_coeff_Fo_to_Fc               ? 
_refine.correlation_coeff_Fo_to_Fc_free          ? 
_refine.pdbx_solvent_vdw_probe_radii             ? 
_refine.pdbx_solvent_ion_probe_radii             ? 
_refine.pdbx_solvent_shrinkage_radii             ? 
_refine.pdbx_overall_phase_error                 ? 
_refine.overall_SU_R_Cruickshank_DPI             ? 
_refine.pdbx_overall_SU_R_free_Cruickshank_DPI   ? 
_refine.pdbx_overall_SU_R_Blow_DPI               ? 
_refine.pdbx_overall_SU_R_free_Blow_DPI          ? 
# 
_refine_hist.pdbx_refine_id                   'X-RAY DIFFRACTION' 
_refine_hist.cycle_id                         LAST 
_refine_hist.pdbx_number_atoms_protein        295 
_refine_hist.pdbx_number_atoms_nucleic_acid   0 
_refine_hist.pdbx_number_atoms_ligand         0 
_refine_hist.number_atoms_solvent             0 
_refine_hist.number_atoms_total               295 
_refine_hist.d_res_high                       2.6 
_refine_hist.d_res_low                        10.0 
# 
loop_
_refine_ls_restr.type 
_refine_ls_restr.dev_ideal 
_refine_ls_restr.dev_ideal_target 
_refine_ls_restr.weight 
_refine_ls_restr.number 
_refine_ls_restr.pdbx_refine_id 
_refine_ls_restr.pdbx_restraint_function 
x_bond_d                0.011 ?     ? ? 'X-RAY DIFFRACTION' ? 
x_bond_d_na             ?     ?     ? ? 'X-RAY DIFFRACTION' ? 
x_bond_d_prot           ?     ?     ? ? 'X-RAY DIFFRACTION' ? 
x_angle_d               ?     ?     ? ? 'X-RAY DIFFRACTION' ? 
x_angle_d_na            ?     ?     ? ? 'X-RAY DIFFRACTION' ? 
x_angle_d_prot          ?     ?     ? ? 'X-RAY DIFFRACTION' ? 
x_angle_deg             ?     ?     ? ? 'X-RAY DIFFRACTION' ? 
x_angle_deg_na          ?     ?     ? ? 'X-RAY DIFFRACTION' ? 
x_angle_deg_prot        ?     ?     ? ? 'X-RAY DIFFRACTION' ? 
x_dihedral_angle_d      ?     ?     ? ? 'X-RAY DIFFRACTION' ? 
x_dihedral_angle_d_na   ?     ?     ? ? 'X-RAY DIFFRACTION' ? 
x_dihedral_angle_d_prot ?     ?     ? ? 'X-RAY DIFFRACTION' ? 
x_improper_angle_d      ?     ?     ? ? 'X-RAY DIFFRACTION' ? 
x_improper_angle_d_na   ?     ?     ? ? 'X-RAY DIFFRACTION' ? 
x_improper_angle_d_prot ?     ?     ? ? 'X-RAY DIFFRACTION' ? 
x_mcbond_it             0.379 1.000 ? ? 'X-RAY DIFFRACTION' ? 
x_mcangle_it            0.636 1.500 ? ? 'X-RAY DIFFRACTION' ? 
x_scbond_it             0.679 1.500 ? ? 'X-RAY DIFFRACTION' ? 
x_scangle_it            1.077 2.000 ? ? 'X-RAY DIFFRACTION' ? 
# 
_struct.entry_id                  1XAS 
_struct.title                     
;CRYSTAL STRUCTURE, AT 2.6 ANGSTROMS RESOLUTION, OF THE STREPTOMYCES LIVIDANS XYLANASE A, A MEMBER OF THE F FAMILY OF BETA-1,4-D-GLYCANSES
;
_struct.pdbx_model_details        ? 
_struct.pdbx_CASP_flag            ? 
_struct.pdbx_model_type_details   ? 
# 
_struct_keywords.entry_id        1XAS 
_struct_keywords.pdbx_keywords   'XYLANASE A' 
_struct_keywords.text            'XYLANASE A' 
# 
_struct_asym.id                            A 
_struct_asym.pdbx_blank_PDB_chainid_flag   N 
_struct_asym.pdbx_modified                 N 
_struct_asym.entity_id                     1 
_struct_asym.details                       ? 
# 
_struct_ref.id                         1 
_struct_ref.db_name                    UNP 
_struct_ref.db_code                    XYNA_STRLI 
_struct_ref.entity_id                  1 
_struct_ref.pdbx_db_accession          P26514 
_struct_ref.pdbx_align_begin           1 
_struct_ref.pdbx_seq_one_letter_code   
;MGSYALPRSGVRRSIRVLLAALVVGVLGTATALIAPPGAHAAESTLGAAAAQSGRYFGTAIASGRLSDSTYTSIAGREFN
MVTAENEMKIDATEPQRGQFNFSSADRVYNWAVQNGKQVRGHTLAWHSQQPGWMQSLSGRPLRQAMIDHINGVMAHYKGK
IVQWDVVNEAFADGSSGARRDSNLQRSGNDWIEVAFRTARAADPSAKLCYNDYNVENWTWAKTQAMYNMVRDFKQRGVPI
DCVGFQSHFNSGSPYNSNFRTTLQNFAALGVDVAITELDIQGAPASTYANVTNDCLAVSRCLGITVWGVRDSDSWRSEQT
PLLFNNDGSKKAAYTAVLDALNGGDSSEPPADGGQIKGVGSGRCLDVPDASTSDGTQLQLWDCHSGTNQQWAATDAGELR
VYGDKCLDAAGTSNGSKVQIYSCWGGDNQKWRLNSDGSVVGVQSGLCLDAVGNGTANGTLIQLYTCSNGSNQRWTRT
;
_struct_ref.pdbx_db_isoform            ? 
# 
_struct_ref_seq.align_id                      1 
_struct_ref_seq.ref_id                        1 
_struct_ref_seq.pdbx_PDB_id_code              1XAS 
_struct_ref_seq.pdbx_strand_id                A 
_struct_ref_seq.seq_align_beg                 1 
_struct_ref_seq.pdbx_seq_align_beg_ins_code   ? 
_struct_ref_seq.seq_align_end                 299 
_struct_ref_seq.pdbx_seq_align_end_ins_code   ? 
_struct_ref_seq.pdbx_db_accession             P26514 
_struct_ref_seq.db_align_beg                  42 
_struct_ref_seq.pdbx_db_align_beg_ins_code    ? 
_struct_ref_seq.db_align_end                  340 
_struct_ref_seq.pdbx_db_align_end_ins_code    ? 
_struct_ref_seq.pdbx_auth_seq_align_beg       1 
_struct_ref_seq.pdbx_auth_seq_align_end       299 
# 
_pdbx_struct_assembly.id                   1 
_pdbx_struct_assembly.details              author_defined_assembly 
_pdbx_struct_assembly.method_details       ? 
_pdbx_struct_assembly.oligomeric_details   monomeric 
_pdbx_struct_assembly.oligomeric_count     1 
# 
_pdbx_struct_assembly_gen.assembly_id       1 
_pdbx_struct_assembly_gen.oper_expression   1 
_pdbx_struct_assembly_gen.asym_id_list      A 
# 
_pdbx_struct_oper_list.id                   1 
_pdbx_struct_oper_list.type                 'identity operation' 
_pdbx_struct_oper_list.name                 1_555 
_pdbx_struct_oper_list.symmetry_operation   x,y,z 
_pdbx_struct_oper_list.matrix[1][1]         1.0000000000 
_pdbx_struct_oper_list.matrix[1][2]         0.0000000000 
_pdbx_struct_oper_list.matrix[1][3]         0.0000000000 
_pdbx_struct_oper_list.vector[1]            0.0000000000 
_pdbx_struct_oper_list.matrix[2][1]         0.0000000000 
_pdbx_struct_oper_list.matrix[2][2]         1.0000000000 
_pdbx_struct_oper_list.matrix[2][3]         0.0000000000 
_pdbx_struct_oper_list.vector[2]            0.0000000000 
_pdbx_struct_oper_list.matrix[3][1]         0.0000000000 
_pdbx_struct_oper_list.matrix[3][2]         0.0000000000 
_pdbx_struct_oper_list.matrix[3][3]         1.0000000000 
_pdbx_struct_oper_list.vector[3]            0.0000000000 
# 
_struct_biol.id   1 
# 
loop_
_struct_conf.conf_type_id 
_struct_conf.id 
_struct_conf.pdbx_PDB_helix_id 
_struct_conf.beg_label_comp_id 
_struct_conf.beg_label_asym_id 
_struct_conf.beg_label_seq_id 
_struct_conf.pdbx_beg_PDB_ins_code 
_struct_conf.end_label_comp_id 
_struct_conf.end_label_asym_id 
_struct_conf.end_label_seq_id 
_struct_conf.pdbx_end_PDB_ins_code 
_struct_conf.beg_auth_comp_id 
_struct_conf.beg_auth_asym_id 
_struct_conf.beg_auth_seq_id 
_struct_conf.end_auth_comp_id 
_struct_conf.end_auth_asym_id 
_struct_conf.end_auth_seq_id 
_struct_conf.pdbx_PDB_helix_class 
_struct_conf.details 
_struct_conf.pdbx_PDB_helix_length 
HELX_P HELX_P1  H0   GLY A 6   ? ALA A 9   ? GLY A 6   ALA A 9   1 ? 4  
HELX_P HELX_P2  H1   ILE A 20  ? GLU A 37  ? ILE A 20  GLU A 37  1 ? 18 
HELX_P HELX_P3  "H'" ILE A 49  ? THR A 52  ? ILE A 49  THR A 52  1 ? 4  
HELX_P HELX_P4  H2   SER A 62  ? GLN A 73  ? SER A 62  GLN A 73  1 ? 12 
HELX_P HELX_P5  "H'" GLY A 91  ? GLN A 94  ? GLY A 91  GLN A 94  1 ? 4  
HELX_P HELX_P6  H3   GLY A 98  ? TYR A 116 ? GLY A 98  TYR A 116 1 ? 19 
HELX_P HELX_P7  H4   TRP A 150 ? ALA A 161 ? TRP A 150 ALA A 161 1 ? 12 
HELX_P HELX_P8  H5   ALA A 180 ? ARG A 195 ? ALA A 180 ARG A 195 1 ? 16 
HELX_P HELX_P9  H6   PHE A 218 ? ALA A 226 ? PHE A 218 ALA A 226 1 ? 9  
HELX_P HELX_P10 H7   ALA A 244 ? CYS A 254 ? ALA A 244 CYS A 254 1 ? 11 
HELX_P HELX_P11 H8   ALA A 291 ? ASP A 298 ? ALA A 291 ASP A 298 1 ? 8  
# 
_struct_conf_type.id          HELX_P 
_struct_conf_type.criteria    ? 
_struct_conf_type.reference   ? 
# 
_struct_sheet.id               S1 
_struct_sheet.type             ? 
_struct_sheet.number_strands   8 
_struct_sheet.details          ? 
# 
loop_
_struct_sheet_order.sheet_id 
_struct_sheet_order.range_id_1 
_struct_sheet_order.range_id_2 
_struct_sheet_order.offset 
_struct_sheet_order.sense 
S1 1 2 ? parallel 
S1 2 3 ? parallel 
S1 3 4 ? parallel 
S1 4 5 ? parallel 
S1 5 6 ? parallel 
S1 6 7 ? parallel 
S1 7 8 ? parallel 
# 
loop_
_struct_sheet_range.sheet_id 
_struct_sheet_range.id 
_struct_sheet_range.beg_label_comp_id 
_struct_sheet_range.beg_label_asym_id 
_struct_sheet_range.beg_label_seq_id 
_struct_sheet_range.pdbx_beg_PDB_ins_code 
_struct_sheet_range.end_label_comp_id 
_struct_sheet_range.end_label_asym_id 
_struct_sheet_range.end_label_seq_id 
_struct_sheet_range.pdbx_end_PDB_ins_code 
_struct_sheet_range.beg_auth_comp_id 
_struct_sheet_range.beg_auth_asym_id 
_struct_sheet_range.beg_auth_seq_id 
_struct_sheet_range.end_auth_comp_id 
_struct_sheet_range.end_auth_asym_id 
_struct_sheet_range.end_auth_seq_id 
S1 1 TYR A 15  ? ILE A 20  ? TYR A 15  ILE A 20  
S1 2 MET A 40  ? GLU A 44  ? MET A 40  GLU A 44  
S1 3 GLN A 77  ? ALA A 84  ? GLN A 77  ALA A 84  
S1 4 VAL A 121 ? ASN A 127 ? VAL A 121 ASN A 127 
S1 5 LYS A 166 ? ASP A 171 ? LYS A 166 ASP A 171 
S1 6 ASP A 200 ? PHE A 208 ? ASP A 200 PHE A 208 
S1 7 ASP A 231 ? GLN A 240 ? ASP A 231 GLN A 240 
S1 8 LEU A 261 ? TRP A 266 ? LEU A 261 TRP A 266 
# 
_struct_site.id                   CAT 
_struct_site.pdbx_evidence_code   Author 
_struct_site.pdbx_auth_asym_id    ? 
_struct_site.pdbx_auth_comp_id    ? 
_struct_site.pdbx_auth_seq_id     ? 
_struct_site.pdbx_auth_ins_code   ? 
_struct_site.pdbx_num_residues    2 
_struct_site.details              'CATALYTIC SITE' 
# 
loop_
_struct_site_gen.id 
_struct_site_gen.site_id 
_struct_site_gen.pdbx_num_res 
_struct_site_gen.label_comp_id 
_struct_site_gen.label_asym_id 
_struct_site_gen.label_seq_id 
_struct_site_gen.pdbx_auth_ins_code 
_struct_site_gen.auth_comp_id 
_struct_site_gen.auth_asym_id 
_struct_site_gen.auth_seq_id 
_struct_site_gen.label_atom_id 
_struct_site_gen.label_alt_id 
_struct_site_gen.symmetry 
_struct_site_gen.details 
1 CAT 2 GLU A 128 ? GLU A 128 . ? 1_555 ? 
2 CAT 2 GLU A 236 ? GLU A 236 . ? 1_555 ? 
# 
loop_
_pdbx_unobs_or_zero_occ_residues.id 
_pdbx_unobs_or_zero_occ_residues.PDB_model_num 
_pdbx_unobs_or_zero_occ_residues.polymer_flag 
_pdbx_unobs_or_zero_occ_residues.occupancy_flag 
_pdbx_unobs_or_zero_occ_residues.auth_asym_id 
_pdbx_unobs_or_zero_occ_residues.auth_comp_id 
_pdbx_unobs_or_zero_occ_residues.auth_seq_id 
_pdbx_unobs_or_zero_occ_residues.PDB_ins_code 
_pdbx_unobs_or_zero_occ_residues.label_asym_id 
_pdbx_unobs_or_zero_occ_residues.label_comp_id 
_pdbx_unobs_or_zero_occ_residues.label_seq_id 
1 1 Y 1 A ALA 1 ? A ALA 1 
2 1 Y 1 A GLU 2 ? A GLU 2 
3 1 Y 1 A SER 3 ? A SER 3 
4 1 Y 1 A THR 4 ? A THR 4 
# 
loop_
_chem_comp_atom.comp_id 
_chem_comp_atom.atom_id 
_chem_comp_atom.type_symbol 
_chem_comp_atom.pdbx_aromatic_flag 
_chem_comp_atom.pdbx_stereo_config 
_chem_comp_atom.pdbx_ordinal 
ALA N    N N N 1   
ALA CA   C N S 2   
ALA C    C N N 3   
ALA O    O N N 4   
ALA CB   C N N 5   
ALA OXT  O N N 6   
ALA H    H N N 7   
ALA H2   H N N 8   
ALA HA   H N N 9   
ALA HB1  H N N 10  
ALA HB2  H N N 11  
ALA HB3  H N N 12  
ALA HXT  H N N 13  
ARG N    N N N 14  
ARG CA   C N S 15  
ARG C    C N N 16  
ARG O    O N N 17  
ARG CB   C N N 18  
ARG CG   C N N 19  
ARG CD   C N N 20  
ARG NE   N N N 21  
ARG CZ   C N N 22  
ARG NH1  N N N 23  
ARG NH2  N N N 24  
ARG OXT  O N N 25  
ARG H    H N N 26  
ARG H2   H N N 27  
ARG HA   H N N 28  
ARG HB2  H N N 29  
ARG HB3  H N N 30  
ARG HG2  H N N 31  
ARG HG3  H N N 32  
ARG HD2  H N N 33  
ARG HD3  H N N 34  
ARG HE   H N N 35  
ARG HH11 H N N 36  
ARG HH12 H N N 37  
ARG HH21 H N N 38  
ARG HH22 H N N 39  
ARG HXT  H N N 40  
ASN N    N N N 41  
ASN CA   C N S 42  
ASN C    C N N 43  
ASN O    O N N 44  
ASN CB   C N N 45  
ASN CG   C N N 46  
ASN OD1  O N N 47  
ASN ND2  N N N 48  
ASN OXT  O N N 49  
ASN H    H N N 50  
ASN H2   H N N 51  
ASN HA   H N N 52  
ASN HB2  H N N 53  
ASN HB3  H N N 54  
ASN HD21 H N N 55  
ASN HD22 H N N 56  
ASN HXT  H N N 57  
ASP N    N N N 58  
ASP CA   C N S 59  
ASP C    C N N 60  
ASP O    O N N 61  
ASP CB   C N N 62  
ASP CG   C N N 63  
ASP OD1  O N N 64  
ASP OD2  O N N 65  
ASP OXT  O N N 66  
ASP H    H N N 67  
ASP H2   H N N 68  
ASP HA   H N N 69  
ASP HB2  H N N 70  
ASP HB3  H N N 71  
ASP HD2  H N N 72  
ASP HXT  H N N 73  
CYS N    N N N 74  
CYS CA   C N R 75  
CYS C    C N N 76  
CYS O    O N N 77  
CYS CB   C N N 78  
CYS SG   S N N 79  
CYS OXT  O N N 80  
CYS H    H N N 81  
CYS H2   H N N 82  
CYS HA   H N N 83  
CYS HB2  H N N 84  
CYS HB3  H N N 85  
CYS HG   H N N 86  
CYS HXT  H N N 87  
GLN N    N N N 88  
GLN CA   C N S 89  
GLN C    C N N 90  
GLN O    O N N 91  
GLN CB   C N N 92  
GLN CG   C N N 93  
GLN CD   C N N 94  
GLN OE1  O N N 95  
GLN NE2  N N N 96  
GLN OXT  O N N 97  
GLN H    H N N 98  
GLN H2   H N N 99  
GLN HA   H N N 100 
GLN HB2  H N N 101 
GLN HB3  H N N 102 
GLN HG2  H N N 103 
GLN HG3  H N N 104 
GLN HE21 H N N 105 
GLN HE22 H N N 106 
GLN HXT  H N N 107 
GLU N    N N N 108 
GLU CA   C N S 109 
GLU C    C N N 110 
GLU O    O N N 111 
GLU CB   C N N 112 
GLU CG   C N N 113 
GLU CD   C N N 114 
GLU OE1  O N N 115 
GLU OE2  O N N 116 
GLU OXT  O N N 117 
GLU H    H N N 118 
GLU H2   H N N 119 
GLU HA   H N N 120 
GLU HB2  H N N 121 
GLU HB3  H N N 122 
GLU HG2  H N N 123 
GLU HG3  H N N 124 
GLU HE2  H N N 125 
GLU HXT  H N N 126 
GLY N    N N N 127 
GLY CA   C N N 128 
GLY C    C N N 129 
GLY O    O N N 130 
GLY OXT  O N N 131 
GLY H    H N N 132 
GLY H2   H N N 133 
GLY HA2  H N N 134 
GLY HA3  H N N 135 
GLY HXT  H N N 136 
HIS N    N N N 137 
HIS CA   C N S 138 
HIS C    C N N 139 
HIS O    O N N 140 
HIS CB   C N N 141 
HIS CG   C Y N 142 
HIS ND1  N Y N 143 
HIS CD2  C Y N 144 
HIS CE1  C Y N 145 
HIS NE2  N Y N 146 
HIS OXT  O N N 147 
HIS H    H N N 148 
HIS H2   H N N 149 
HIS HA   H N N 150 
HIS HB2  H N N 151 
HIS HB3  H N N 152 
HIS HD1  H N N 153 
HIS HD2  H N N 154 
HIS HE1  H N N 155 
HIS HE2  H N N 156 
HIS HXT  H N N 157 
ILE N    N N N 158 
ILE CA   C N S 159 
ILE C    C N N 160 
ILE O    O N N 161 
ILE CB   C N S 162 
ILE CG1  C N N 163 
ILE CG2  C N N 164 
ILE CD1  C N N 165 
ILE OXT  O N N 166 
ILE H    H N N 167 
ILE H2   H N N 168 
ILE HA   H N N 169 
ILE HB   H N N 170 
ILE HG12 H N N 171 
ILE HG13 H N N 172 
ILE HG21 H N N 173 
ILE HG22 H N N 174 
ILE HG23 H N N 175 
ILE HD11 H N N 176 
ILE HD12 H N N 177 
ILE HD13 H N N 178 
ILE HXT  H N N 179 
LEU N    N N N 180 
LEU CA   C N S 181 
LEU C    C N N 182 
LEU O    O N N 183 
LEU CB   C N N 184 
LEU CG   C N N 185 
LEU CD1  C N N 186 
LEU CD2  C N N 187 
LEU OXT  O N N 188 
LEU H    H N N 189 
LEU H2   H N N 190 
LEU HA   H N N 191 
LEU HB2  H N N 192 
LEU HB3  H N N 193 
LEU HG   H N N 194 
LEU HD11 H N N 195 
LEU HD12 H N N 196 
LEU HD13 H N N 197 
LEU HD21 H N N 198 
LEU HD22 H N N 199 
LEU HD23 H N N 200 
LEU HXT  H N N 201 
LYS N    N N N 202 
LYS CA   C N S 203 
LYS C    C N N 204 
LYS O    O N N 205 
LYS CB   C N N 206 
LYS CG   C N N 207 
LYS CD   C N N 208 
LYS CE   C N N 209 
LYS NZ   N N N 210 
LYS OXT  O N N 211 
LYS H    H N N 212 
LYS H2   H N N 213 
LYS HA   H N N 214 
LYS HB2  H N N 215 
LYS HB3  H N N 216 
LYS HG2  H N N 217 
LYS HG3  H N N 218 
LYS HD2  H N N 219 
LYS HD3  H N N 220 
LYS HE2  H N N 221 
LYS HE3  H N N 222 
LYS HZ1  H N N 223 
LYS HZ2  H N N 224 
LYS HZ3  H N N 225 
LYS HXT  H N N 226 
MET N    N N N 227 
MET CA   C N S 228 
MET C    C N N 229 
MET O    O N N 230 
MET CB   C N N 231 
MET CG   C N N 232 
MET SD   S N N 233 
MET CE   C N N 234 
MET OXT  O N N 235 
MET H    H N N 236 
MET H2   H N N 237 
MET HA   H N N 238 
MET HB2  H N N 239 
MET HB3  H N N 240 
MET HG2  H N N 241 
MET HG3  H N N 242 
MET HE1  H N N 243 
MET HE2  H N N 244 
MET HE3  H N N 245 
MET HXT  H N N 246 
PHE N    N N N 247 
PHE CA   C N S 248 
PHE C    C N N 249 
PHE O    O N N 250 
PHE CB   C N N 251 
PHE CG   C Y N 252 
PHE CD1  C Y N 253 
PHE CD2  C Y N 254 
PHE CE1  C Y N 255 
PHE CE2  C Y N 256 
PHE CZ   C Y N 257 
PHE OXT  O N N 258 
PHE H    H N N 259 
PHE H2   H N N 260 
PHE HA   H N N 261 
PHE HB2  H N N 262 
PHE HB3  H N N 263 
PHE HD1  H N N 264 
PHE HD2  H N N 265 
PHE HE1  H N N 266 
PHE HE2  H N N 267 
PHE HZ   H N N 268 
PHE HXT  H N N 269 
PRO N    N N N 270 
PRO CA   C N S 271 
PRO C    C N N 272 
PRO O    O N N 273 
PRO CB   C N N 274 
PRO CG   C N N 275 
PRO CD   C N N 276 
PRO OXT  O N N 277 
PRO H    H N N 278 
PRO HA   H N N 279 
PRO HB2  H N N 280 
PRO HB3  H N N 281 
PRO HG2  H N N 282 
PRO HG3  H N N 283 
PRO HD2  H N N 284 
PRO HD3  H N N 285 
PRO HXT  H N N 286 
SER N    N N N 287 
SER CA   C N S 288 
SER C    C N N 289 
SER O    O N N 290 
SER CB   C N N 291 
SER OG   O N N 292 
SER OXT  O N N 293 
SER H    H N N 294 
SER H2   H N N 295 
SER HA   H N N 296 
SER HB2  H N N 297 
SER HB3  H N N 298 
SER HG   H N N 299 
SER HXT  H N N 300 
THR N    N N N 301 
THR CA   C N S 302 
THR C    C N N 303 
THR O    O N N 304 
THR CB   C N R 305 
THR OG1  O N N 306 
THR CG2  C N N 307 
THR OXT  O N N 308 
THR H    H N N 309 
THR H2   H N N 310 
THR HA   H N N 311 
THR HB   H N N 312 
THR HG1  H N N 313 
THR HG21 H N N 314 
THR HG22 H N N 315 
THR HG23 H N N 316 
THR HXT  H N N 317 
TRP N    N N N 318 
TRP CA   C N S 319 
TRP C    C N N 320 
TRP O    O N N 321 
TRP CB   C N N 322 
TRP CG   C Y N 323 
TRP CD1  C Y N 324 
TRP CD2  C Y N 325 
TRP NE1  N Y N 326 
TRP CE2  C Y N 327 
TRP CE3  C Y N 328 
TRP CZ2  C Y N 329 
TRP CZ3  C Y N 330 
TRP CH2  C Y N 331 
TRP OXT  O N N 332 
TRP H    H N N 333 
TRP H2   H N N 334 
TRP HA   H N N 335 
TRP HB2  H N N 336 
TRP HB3  H N N 337 
TRP HD1  H N N 338 
TRP HE1  H N N 339 
TRP HE3  H N N 340 
TRP HZ2  H N N 341 
TRP HZ3  H N N 342 
TRP HH2  H N N 343 
TRP HXT  H N N 344 
TYR N    N N N 345 
TYR CA   C N S 346 
TYR C    C N N 347 
TYR O    O N N 348 
TYR CB   C N N 349 
TYR CG   C Y N 350 
TYR CD1  C Y N 351 
TYR CD2  C Y N 352 
TYR CE1  C Y N 353 
TYR CE2  C Y N 354 
TYR CZ   C Y N 355 
TYR OH   O N N 356 
TYR OXT  O N N 357 
TYR H    H N N 358 
TYR H2   H N N 359 
TYR HA   H N N 360 
TYR HB2  H N N 361 
TYR HB3  H N N 362 
TYR HD1  H N N 363 
TYR HD2  H N N 364 
TYR HE1  H N N 365 
TYR HE2  H N N 366 
TYR HH   H N N 367 
TYR HXT  H N N 368 
VAL N    N N N 369 
VAL CA   C N S 370 
VAL C    C N N 371 
VAL O    O N N 372 
VAL CB   C N N 373 
VAL CG1  C N N 374 
VAL CG2  C N N 375 
VAL OXT  O N N 376 
VAL H    H N N 377 
VAL H2   H N N 378 
VAL HA   H N N 379 
VAL HB   H N N 380 
VAL HG11 H N N 381 
VAL HG12 H N N 382 
VAL HG13 H N N 383 
VAL HG21 H N N 384 
VAL HG22 H N N 385 
VAL HG23 H N N 386 
VAL HXT  H N N 387 
# 
loop_
_chem_comp_bond.comp_id 
_chem_comp_bond.atom_id_1 
_chem_comp_bond.atom_id_2 
_chem_comp_bond.value_order 
_chem_comp_bond.pdbx_aromatic_flag 
_chem_comp_bond.pdbx_stereo_config 
_chem_comp_bond.pdbx_ordinal 
ALA N   CA   sing N N 1   
ALA N   H    sing N N 2   
ALA N   H2   sing N N 3   
ALA CA  C    sing N N 4   
ALA CA  CB   sing N N 5   
ALA CA  HA   sing N N 6   
ALA C   O    doub N N 7   
ALA C   OXT  sing N N 8   
ALA CB  HB1  sing N N 9   
ALA CB  HB2  sing N N 10  
ALA CB  HB3  sing N N 11  
ALA OXT HXT  sing N N 12  
ARG N   CA   sing N N 13  
ARG N   H    sing N N 14  
ARG N   H2   sing N N 15  
ARG CA  C    sing N N 16  
ARG CA  CB   sing N N 17  
ARG CA  HA   sing N N 18  
ARG C   O    doub N N 19  
ARG C   OXT  sing N N 20  
ARG CB  CG   sing N N 21  
ARG CB  HB2  sing N N 22  
ARG CB  HB3  sing N N 23  
ARG CG  CD   sing N N 24  
ARG CG  HG2  sing N N 25  
ARG CG  HG3  sing N N 26  
ARG CD  NE   sing N N 27  
ARG CD  HD2  sing N N 28  
ARG CD  HD3  sing N N 29  
ARG NE  CZ   sing N N 30  
ARG NE  HE   sing N N 31  
ARG CZ  NH1  sing N N 32  
ARG CZ  NH2  doub N N 33  
ARG NH1 HH11 sing N N 34  
ARG NH1 HH12 sing N N 35  
ARG NH2 HH21 sing N N 36  
ARG NH2 HH22 sing N N 37  
ARG OXT HXT  sing N N 38  
ASN N   CA   sing N N 39  
ASN N   H    sing N N 40  
ASN N   H2   sing N N 41  
ASN CA  C    sing N N 42  
ASN CA  CB   sing N N 43  
ASN CA  HA   sing N N 44  
ASN C   O    doub N N 45  
ASN C   OXT  sing N N 46  
ASN CB  CG   sing N N 47  
ASN CB  HB2  sing N N 48  
ASN CB  HB3  sing N N 49  
ASN CG  OD1  doub N N 50  
ASN CG  ND2  sing N N 51  
ASN ND2 HD21 sing N N 52  
ASN ND2 HD22 sing N N 53  
ASN OXT HXT  sing N N 54  
ASP N   CA   sing N N 55  
ASP N   H    sing N N 56  
ASP N   H2   sing N N 57  
ASP CA  C    sing N N 58  
ASP CA  CB   sing N N 59  
ASP CA  HA   sing N N 60  
ASP C   O    doub N N 61  
ASP C   OXT  sing N N 62  
ASP CB  CG   sing N N 63  
ASP CB  HB2  sing N N 64  
ASP CB  HB3  sing N N 65  
ASP CG  OD1  doub N N 66  
ASP CG  OD2  sing N N 67  
ASP OD2 HD2  sing N N 68  
ASP OXT HXT  sing N N 69  
CYS N   CA   sing N N 70  
CYS N   H    sing N N 71  
CYS N   H2   sing N N 72  
CYS CA  C    sing N N 73  
CYS CA  CB   sing N N 74  
CYS CA  HA   sing N N 75  
CYS C   O    doub N N 76  
CYS C   OXT  sing N N 77  
CYS CB  SG   sing N N 78  
CYS CB  HB2  sing N N 79  
CYS CB  HB3  sing N N 80  
CYS SG  HG   sing N N 81  
CYS OXT HXT  sing N N 82  
GLN N   CA   sing N N 83  
GLN N   H    sing N N 84  
GLN N   H2   sing N N 85  
GLN CA  C    sing N N 86  
GLN CA  CB   sing N N 87  
GLN CA  HA   sing N N 88  
GLN C   O    doub N N 89  
GLN C   OXT  sing N N 90  
GLN CB  CG   sing N N 91  
GLN CB  HB2  sing N N 92  
GLN CB  HB3  sing N N 93  
GLN CG  CD   sing N N 94  
GLN CG  HG2  sing N N 95  
GLN CG  HG3  sing N N 96  
GLN CD  OE1  doub N N 97  
GLN CD  NE2  sing N N 98  
GLN NE2 HE21 sing N N 99  
GLN NE2 HE22 sing N N 100 
GLN OXT HXT  sing N N 101 
GLU N   CA   sing N N 102 
GLU N   H    sing N N 103 
GLU N   H2   sing N N 104 
GLU CA  C    sing N N 105 
GLU CA  CB   sing N N 106 
GLU CA  HA   sing N N 107 
GLU C   O    doub N N 108 
GLU C   OXT  sing N N 109 
GLU CB  CG   sing N N 110 
GLU CB  HB2  sing N N 111 
GLU CB  HB3  sing N N 112 
GLU CG  CD   sing N N 113 
GLU CG  HG2  sing N N 114 
GLU CG  HG3  sing N N 115 
GLU CD  OE1  doub N N 116 
GLU CD  OE2  sing N N 117 
GLU OE2 HE2  sing N N 118 
GLU OXT HXT  sing N N 119 
GLY N   CA   sing N N 120 
GLY N   H    sing N N 121 
GLY N   H2   sing N N 122 
GLY CA  C    sing N N 123 
GLY CA  HA2  sing N N 124 
GLY CA  HA3  sing N N 125 
GLY C   O    doub N N 126 
GLY C   OXT  sing N N 127 
GLY OXT HXT  sing N N 128 
HIS N   CA   sing N N 129 
HIS N   H    sing N N 130 
HIS N   H2   sing N N 131 
HIS CA  C    sing N N 132 
HIS CA  CB   sing N N 133 
HIS CA  HA   sing N N 134 
HIS C   O    doub N N 135 
HIS C   OXT  sing N N 136 
HIS CB  CG   sing N N 137 
HIS CB  HB2  sing N N 138 
HIS CB  HB3  sing N N 139 
HIS CG  ND1  sing Y N 140 
HIS CG  CD2  doub Y N 141 
HIS ND1 CE1  doub Y N 142 
HIS ND1 HD1  sing N N 143 
HIS CD2 NE2  sing Y N 144 
HIS CD2 HD2  sing N N 145 
HIS CE1 NE2  sing Y N 146 
HIS CE1 HE1  sing N N 147 
HIS NE2 HE2  sing N N 148 
HIS OXT HXT  sing N N 149 
ILE N   CA   sing N N 150 
ILE N   H    sing N N 151 
ILE N   H2   sing N N 152 
ILE CA  C    sing N N 153 
ILE CA  CB   sing N N 154 
ILE CA  HA   sing N N 155 
ILE C   O    doub N N 156 
ILE C   OXT  sing N N 157 
ILE CB  CG1  sing N N 158 
ILE CB  CG2  sing N N 159 
ILE CB  HB   sing N N 160 
ILE CG1 CD1  sing N N 161 
ILE CG1 HG12 sing N N 162 
ILE CG1 HG13 sing N N 163 
ILE CG2 HG21 sing N N 164 
ILE CG2 HG22 sing N N 165 
ILE CG2 HG23 sing N N 166 
ILE CD1 HD11 sing N N 167 
ILE CD1 HD12 sing N N 168 
ILE CD1 HD13 sing N N 169 
ILE OXT HXT  sing N N 170 
LEU N   CA   sing N N 171 
LEU N   H    sing N N 172 
LEU N   H2   sing N N 173 
LEU CA  C    sing N N 174 
LEU CA  CB   sing N N 175 
LEU CA  HA   sing N N 176 
LEU C   O    doub N N 177 
LEU C   OXT  sing N N 178 
LEU CB  CG   sing N N 179 
LEU CB  HB2  sing N N 180 
LEU CB  HB3  sing N N 181 
LEU CG  CD1  sing N N 182 
LEU CG  CD2  sing N N 183 
LEU CG  HG   sing N N 184 
LEU CD1 HD11 sing N N 185 
LEU CD1 HD12 sing N N 186 
LEU CD1 HD13 sing N N 187 
LEU CD2 HD21 sing N N 188 
LEU CD2 HD22 sing N N 189 
LEU CD2 HD23 sing N N 190 
LEU OXT HXT  sing N N 191 
LYS N   CA   sing N N 192 
LYS N   H    sing N N 193 
LYS N   H2   sing N N 194 
LYS CA  C    sing N N 195 
LYS CA  CB   sing N N 196 
LYS CA  HA   sing N N 197 
LYS C   O    doub N N 198 
LYS C   OXT  sing N N 199 
LYS CB  CG   sing N N 200 
LYS CB  HB2  sing N N 201 
LYS CB  HB3  sing N N 202 
LYS CG  CD   sing N N 203 
LYS CG  HG2  sing N N 204 
LYS CG  HG3  sing N N 205 
LYS CD  CE   sing N N 206 
LYS CD  HD2  sing N N 207 
LYS CD  HD3  sing N N 208 
LYS CE  NZ   sing N N 209 
LYS CE  HE2  sing N N 210 
LYS CE  HE3  sing N N 211 
LYS NZ  HZ1  sing N N 212 
LYS NZ  HZ2  sing N N 213 
LYS NZ  HZ3  sing N N 214 
LYS OXT HXT  sing N N 215 
MET N   CA   sing N N 216 
MET N   H    sing N N 217 
MET N   H2   sing N N 218 
MET CA  C    sing N N 219 
MET CA  CB   sing N N 220 
MET CA  HA   sing N N 221 
MET C   O    doub N N 222 
MET C   OXT  sing N N 223 
MET CB  CG   sing N N 224 
MET CB  HB2  sing N N 225 
MET CB  HB3  sing N N 226 
MET CG  SD   sing N N 227 
MET CG  HG2  sing N N 228 
MET CG  HG3  sing N N 229 
MET SD  CE   sing N N 230 
MET CE  HE1  sing N N 231 
MET CE  HE2  sing N N 232 
MET CE  HE3  sing N N 233 
MET OXT HXT  sing N N 234 
PHE N   CA   sing N N 235 
PHE N   H    sing N N 236 
PHE N   H2   sing N N 237 
PHE CA  C    sing N N 238 
PHE CA  CB   sing N N 239 
PHE CA  HA   sing N N 240 
PHE C   O    doub N N 241 
PHE C   OXT  sing N N 242 
PHE CB  CG   sing N N 243 
PHE CB  HB2  sing N N 244 
PHE CB  HB3  sing N N 245 
PHE CG  CD1  doub Y N 246 
PHE CG  CD2  sing Y N 247 
PHE CD1 CE1  sing Y N 248 
PHE CD1 HD1  sing N N 249 
PHE CD2 CE2  doub Y N 250 
PHE CD2 HD2  sing N N 251 
PHE CE1 CZ   doub Y N 252 
PHE CE1 HE1  sing N N 253 
PHE CE2 CZ   sing Y N 254 
PHE CE2 HE2  sing N N 255 
PHE CZ  HZ   sing N N 256 
PHE OXT HXT  sing N N 257 
PRO N   CA   sing N N 258 
PRO N   CD   sing N N 259 
PRO N   H    sing N N 260 
PRO CA  C    sing N N 261 
PRO CA  CB   sing N N 262 
PRO CA  HA   sing N N 263 
PRO C   O    doub N N 264 
PRO C   OXT  sing N N 265 
PRO CB  CG   sing N N 266 
PRO CB  HB2  sing N N 267 
PRO CB  HB3  sing N N 268 
PRO CG  CD   sing N N 269 
PRO CG  HG2  sing N N 270 
PRO CG  HG3  sing N N 271 
PRO CD  HD2  sing N N 272 
PRO CD  HD3  sing N N 273 
PRO OXT HXT  sing N N 274 
SER N   CA   sing N N 275 
SER N   H    sing N N 276 
SER N   H2   sing N N 277 
SER CA  C    sing N N 278 
SER CA  CB   sing N N 279 
SER CA  HA   sing N N 280 
SER C   O    doub N N 281 
SER C   OXT  sing N N 282 
SER CB  OG   sing N N 283 
SER CB  HB2  sing N N 284 
SER CB  HB3  sing N N 285 
SER OG  HG   sing N N 286 
SER OXT HXT  sing N N 287 
THR N   CA   sing N N 288 
THR N   H    sing N N 289 
THR N   H2   sing N N 290 
THR CA  C    sing N N 291 
THR CA  CB   sing N N 292 
THR CA  HA   sing N N 293 
THR C   O    doub N N 294 
THR C   OXT  sing N N 295 
THR CB  OG1  sing N N 296 
THR CB  CG2  sing N N 297 
THR CB  HB   sing N N 298 
THR OG1 HG1  sing N N 299 
THR CG2 HG21 sing N N 300 
THR CG2 HG22 sing N N 301 
THR CG2 HG23 sing N N 302 
THR OXT HXT  sing N N 303 
TRP N   CA   sing N N 304 
TRP N   H    sing N N 305 
TRP N   H2   sing N N 306 
TRP CA  C    sing N N 307 
TRP CA  CB   sing N N 308 
TRP CA  HA   sing N N 309 
TRP C   O    doub N N 310 
TRP C   OXT  sing N N 311 
TRP CB  CG   sing N N 312 
TRP CB  HB2  sing N N 313 
TRP CB  HB3  sing N N 314 
TRP CG  CD1  doub Y N 315 
TRP CG  CD2  sing Y N 316 
TRP CD1 NE1  sing Y N 317 
TRP CD1 HD1  sing N N 318 
TRP CD2 CE2  doub Y N 319 
TRP CD2 CE3  sing Y N 320 
TRP NE1 CE2  sing Y N 321 
TRP NE1 HE1  sing N N 322 
TRP CE2 CZ2  sing Y N 323 
TRP CE3 CZ3  doub Y N 324 
TRP CE3 HE3  sing N N 325 
TRP CZ2 CH2  doub Y N 326 
TRP CZ2 HZ2  sing N N 327 
TRP CZ3 CH2  sing Y N 328 
TRP CZ3 HZ3  sing N N 329 
TRP CH2 HH2  sing N N 330 
TRP OXT HXT  sing N N 331 
TYR N   CA   sing N N 332 
TYR N   H    sing N N 333 
TYR N   H2   sing N N 334 
TYR CA  C    sing N N 335 
TYR CA  CB   sing N N 336 
TYR CA  HA   sing N N 337 
TYR C   O    doub N N 338 
TYR C   OXT  sing N N 339 
TYR CB  CG   sing N N 340 
TYR CB  HB2  sing N N 341 
TYR CB  HB3  sing N N 342 
TYR CG  CD1  doub Y N 343 
TYR CG  CD2  sing Y N 344 
TYR CD1 CE1  sing Y N 345 
TYR CD1 HD1  sing N N 346 
TYR CD2 CE2  doub Y N 347 
TYR CD2 HD2  sing N N 348 
TYR CE1 CZ   doub Y N 349 
TYR CE1 HE1  sing N N 350 
TYR CE2 CZ   sing Y N 351 
TYR CE2 HE2  sing N N 352 
TYR CZ  OH   sing N N 353 
TYR OH  HH   sing N N 354 
TYR OXT HXT  sing N N 355 
VAL N   CA   sing N N 356 
VAL N   H    sing N N 357 
VAL N   H2   sing N N 358 
VAL CA  C    sing N N 359 
VAL CA  CB   sing N N 360 
VAL CA  HA   sing N N 361 
VAL C   O    doub N N 362 
VAL C   OXT  sing N N 363 
VAL CB  CG1  sing N N 364 
VAL CB  CG2  sing N N 365 
VAL CB  HB   sing N N 366 
VAL CG1 HG11 sing N N 367 
VAL CG1 HG12 sing N N 368 
VAL CG1 HG13 sing N N 369 
VAL CG2 HG21 sing N N 370 
VAL CG2 HG22 sing N N 371 
VAL CG2 HG23 sing N N 372 
VAL OXT HXT  sing N N 373 
# 
_pdbx_coordinate_model.asym_id   A 
_pdbx_coordinate_model.type      'CA ATOMS ONLY' 
# 
_atom_sites.entry_id                    1XAS 
_atom_sites.fract_transf_matrix[1][1]   -0.00258581 
_atom_sites.fract_transf_matrix[1][2]   0.01251317 
_atom_sites.fract_transf_matrix[1][3]   0.00660558 
_atom_sites.fract_transf_matrix[2][1]   -0.01946233 
_atom_sites.fract_transf_matrix[2][2]   -0.00707511 
_atom_sites.fract_transf_matrix[2][3]   0.00578390 
_atom_sites.fract_transf_matrix[3][1]   0.00450451 
_atom_sites.fract_transf_matrix[3][2]   -0.00429628 
_atom_sites.fract_transf_matrix[3][3]   0.00990191 
_atom_sites.fract_transf_vector[1]      0.249743 
_atom_sites.fract_transf_vector[2]      0.657211 
_atom_sites.fract_transf_vector[3]      0.227230 
# 
_atom_type.symbol   C 
# 
loop_
_atom_site.group_PDB 
_atom_site.id 
_atom_site.type_symbol 
_atom_site.label_atom_id 
_atom_site.label_alt_id 
_atom_site.label_comp_id 
_atom_site.label_asym_id 
_atom_site.label_entity_id 
_atom_site.label_seq_id 
_atom_site.pdbx_PDB_ins_code 
_atom_site.Cartn_x 
_atom_site.Cartn_y 
_atom_site.Cartn_z 
_atom_site.occupancy 
_atom_site.B_iso_or_equiv 
_atom_site.pdbx_formal_charge 
_atom_site.auth_seq_id 
_atom_site.auth_comp_id 
_atom_site.auth_asym_id 
_atom_site.auth_atom_id 
_atom_site.pdbx_PDB_model_num 
ATOM 1   C CA . LEU A 1 5   ? -18.605 -11.847 -2.785  1.00 19.70 ? 5   LEU A CA 1 
ATOM 2   C CA . GLY A 1 6   ? -15.797 -9.829  -4.605  1.00 19.30 ? 6   GLY A CA 1 
ATOM 3   C CA . ALA A 1 7   ? -13.221 -11.028 -2.017  1.00 20.80 ? 7   ALA A CA 1 
ATOM 4   C CA . ALA A 1 8   ? -14.133 -14.693 -2.524  1.00 21.00 ? 8   ALA A CA 1 
ATOM 5   C CA . ALA A 1 9   ? -14.228 -14.243 -6.350  1.00 21.20 ? 9   ALA A CA 1 
ATOM 6   C CA . ALA A 1 10  ? -10.517 -13.478 -5.991  1.00 22.60 ? 10  ALA A CA 1 
ATOM 7   C CA . GLN A 1 11  ? -9.844  -17.281 -5.291  1.00 23.50 ? 11  GLN A CA 1 
ATOM 8   C CA . SER A 1 12  ? -7.233  -17.557 -8.058  1.00 23.50 ? 12  SER A CA 1 
ATOM 9   C CA . GLY A 1 13  ? -5.074  -17.654 -4.918  1.00 22.60 ? 13  GLY A CA 1 
ATOM 10  C CA . ARG A 1 14  ? -5.495  -13.848 -4.677  1.00 21.20 ? 14  ARG A CA 1 
ATOM 11  C CA . TYR A 1 15  ? -7.437  -11.416 -2.422  1.00 18.90 ? 15  TYR A CA 1 
ATOM 12  C CA . PHE A 1 16  ? -9.622  -8.319  -2.786  1.00 16.50 ? 16  PHE A CA 1 
ATOM 13  C CA . GLY A 1 17  ? -9.007  -5.812  -0.010  1.00 15.30 ? 17  GLY A CA 1 
ATOM 14  C CA . THR A 1 18  ? -10.021 -2.290  0.872   1.00 14.80 ? 18  THR A CA 1 
ATOM 15  C CA . ALA A 1 19  ? -8.957  0.535   3.166   1.00 16.50 ? 19  ALA A CA 1 
ATOM 16  C CA . ILE A 1 20  ? -10.619 0.782   6.575   1.00 18.60 ? 20  ILE A CA 1 
ATOM 17  C CA . ALA A 1 21  ? -10.530 3.873   8.854   1.00 19.30 ? 21  ALA A CA 1 
ATOM 18  C CA . SER A 1 22  ? -11.366 3.542   12.567  1.00 18.80 ? 22  SER A CA 1 
ATOM 19  C CA . GLY A 1 23  ? -13.788 6.485   12.382  1.00 17.80 ? 23  GLY A CA 1 
ATOM 20  C CA . ARG A 1 24  ? -16.190 4.827   9.940   1.00 17.40 ? 24  ARG A CA 1 
ATOM 21  C CA . LEU A 1 25  ? -16.435 1.612   12.002  1.00 18.70 ? 25  LEU A CA 1 
ATOM 22  C CA . SER A 1 26  ? -19.653 2.977   13.707  1.00 19.00 ? 26  SER A CA 1 
ATOM 23  C CA . ASP A 1 27  ? -21.473 2.937   10.319  1.00 19.70 ? 27  ASP A CA 1 
ATOM 24  C CA . SER A 1 28  ? -23.518 -0.290  9.928   1.00 19.60 ? 28  SER A CA 1 
ATOM 25  C CA . THR A 1 29  ? -23.659 0.125   6.081   1.00 19.30 ? 29  THR A CA 1 
ATOM 26  C CA . TYR A 1 30  ? -19.887 0.592   5.665   1.00 17.90 ? 30  TYR A CA 1 
ATOM 27  C CA . THR A 1 31  ? -19.015 -2.329  7.992   1.00 18.30 ? 31  THR A CA 1 
ATOM 28  C CA . SER A 1 32  ? -21.519 -4.909  6.573   1.00 17.70 ? 32  SER A CA 1 
ATOM 29  C CA . ILE A 1 33  ? -20.595 -4.134  2.927   1.00 17.40 ? 33  ILE A CA 1 
ATOM 30  C CA . ALA A 1 34  ? -16.932 -4.054  3.944   1.00 17.70 ? 34  ALA A CA 1 
ATOM 31  C CA . GLY A 1 35  ? -17.353 -7.220  6.028   1.00 18.40 ? 35  GLY A CA 1 
ATOM 32  C CA . ARG A 1 36  ? -19.192 -9.047  3.248   1.00 19.90 ? 36  ARG A CA 1 
ATOM 33  C CA . GLU A 1 37  ? -17.033 -8.081  0.258   1.00 19.90 ? 37  GLU A CA 1 
ATOM 34  C CA . PHE A 1 38  ? -13.272 -7.869  1.162   1.00 18.50 ? 38  PHE A CA 1 
ATOM 35  C CA . ASN A 1 39  ? -10.726 -10.408 2.452   1.00 17.90 ? 39  ASN A CA 1 
ATOM 36  C CA . MET A 1 40  ? -7.834  -8.006  2.947   1.00 17.90 ? 40  MET A CA 1 
ATOM 37  C CA . VAL A 1 41  ? -7.790  -4.796  4.937   1.00 19.40 ? 41  VAL A CA 1 
ATOM 38  C CA . THR A 1 42  ? -5.299  -1.957  5.002   1.00 20.30 ? 42  THR A CA 1 
ATOM 39  C CA . ALA A 1 43  ? -5.439  0.549   7.889   1.00 20.00 ? 43  ALA A CA 1 
ATOM 40  C CA . GLU A 1 44  ? -5.914  3.892   6.082   1.00 20.20 ? 44  GLU A CA 1 
ATOM 41  C CA . ASN A 1 45  ? -4.032  6.020   8.666   1.00 18.90 ? 45  ASN A CA 1 
ATOM 42  C CA . GLU A 1 46  ? -3.934  4.168   12.055  1.00 17.10 ? 46  GLU A CA 1 
ATOM 43  C CA . MET A 1 47  ? -0.667  2.365   11.312  1.00 16.00 ? 47  MET A CA 1 
ATOM 44  C CA . LYS A 1 48  ? 1.299   5.462   10.194  1.00 17.00 ? 48  LYS A CA 1 
ATOM 45  C CA . ILE A 1 49  ? 4.328   6.838   11.991  1.00 18.50 ? 49  ILE A CA 1 
ATOM 46  C CA . ASP A 1 50  ? 2.541   9.677   13.829  1.00 18.70 ? 50  ASP A CA 1 
ATOM 47  C CA . ALA A 1 51  ? -0.442  7.508   14.889  1.00 18.90 ? 51  ALA A CA 1 
ATOM 48  C CA . THR A 1 52  ? 1.845   4.820   16.349  1.00 18.80 ? 52  THR A CA 1 
ATOM 49  C CA . GLU A 1 53  ? 4.638   7.120   17.701  1.00 18.00 ? 53  GLU A CA 1 
ATOM 50  C CA . PRO A 1 54  ? 3.092   10.408  18.910  1.00 17.90 ? 54  PRO A CA 1 
ATOM 51  C CA . GLN A 1 55  ? 6.175   10.955  21.090  1.00 18.60 ? 55  GLN A CA 1 
ATOM 52  C CA . ARG A 1 56  ? 9.567   9.133   20.827  1.00 18.30 ? 56  ARG A CA 1 
ATOM 53  C CA . GLY A 1 57  ? 9.582   5.626   22.454  1.00 18.80 ? 57  GLY A CA 1 
ATOM 54  C CA . GLN A 1 58  ? 5.972   6.038   23.586  1.00 20.20 ? 58  GLN A CA 1 
ATOM 55  C CA . PHE A 1 59  ? 3.889   3.871   21.278  1.00 19.90 ? 59  PHE A CA 1 
ATOM 56  C CA . ASN A 1 60  ? 0.159   4.131   20.640  1.00 20.60 ? 60  ASN A CA 1 
ATOM 57  C CA . PHE A 1 61  ? -1.698  1.143   19.135  1.00 20.70 ? 61  PHE A CA 1 
ATOM 58  C CA . SER A 1 62  ? -5.236  2.006   20.254  1.00 20.20 ? 62  SER A CA 1 
ATOM 59  C CA . SER A 1 63  ? -6.356  3.086   16.774  1.00 20.10 ? 63  SER A CA 1 
ATOM 60  C CA . ALA A 1 64  ? -4.318  0.442   14.972  1.00 20.70 ? 64  ALA A CA 1 
ATOM 61  C CA . ASP A 1 65  ? -5.740  -2.365  17.042  1.00 19.40 ? 65  ASP A CA 1 
ATOM 62  C CA . ARG A 1 66  ? -9.258  -1.038  16.419  1.00 19.70 ? 66  ARG A CA 1 
ATOM 63  C CA . VAL A 1 67  ? -8.742  -1.751  12.684  1.00 17.80 ? 67  VAL A CA 1 
ATOM 64  C CA . TYR A 1 68  ? -6.494  -4.719  13.346  1.00 17.10 ? 68  TYR A CA 1 
ATOM 65  C CA . ASN A 1 69  ? -9.030  -6.635  15.496  1.00 18.40 ? 69  ASN A CA 1 
ATOM 66  C CA . TRP A 1 70  ? -12.027 -5.683  13.282  1.00 17.80 ? 70  TRP A CA 1 
ATOM 67  C CA . ALA A 1 71  ? -10.219 -7.186  10.379  1.00 18.20 ? 71  ALA A CA 1 
ATOM 68  C CA . VAL A 1 72  ? -9.450  -10.489 12.070  1.00 17.60 ? 72  VAL A CA 1 
ATOM 69  C CA . GLN A 1 73  ? -12.939 -11.071 13.628  1.00 17.90 ? 73  GLN A CA 1 
ATOM 70  C CA . ASN A 1 74  ? -14.474 -10.356 10.227  1.00 18.90 ? 74  ASN A CA 1 
ATOM 71  C CA . GLY A 1 75  ? -12.027 -12.883 8.711   1.00 19.10 ? 75  GLY A CA 1 
ATOM 72  C CA . LYS A 1 76  ? -9.686  -10.571 6.741   1.00 17.60 ? 76  LYS A CA 1 
ATOM 73  C CA . GLN A 1 77  ? -5.933  -10.351 6.653   1.00 18.10 ? 77  GLN A CA 1 
ATOM 74  C CA . VAL A 1 78  ? -3.940  -7.180  7.212   1.00 17.40 ? 78  VAL A CA 1 
ATOM 75  C CA . ARG A 1 79  ? -1.504  -5.266  5.092   1.00 17.90 ? 79  ARG A CA 1 
ATOM 76  C CA . GLY A 1 80  ? 0.393   -2.972  7.547   1.00 18.40 ? 80  GLY A CA 1 
ATOM 77  C CA . HIS A 1 81  ? 0.584   0.599   6.183   1.00 20.20 ? 81  HIS A CA 1 
ATOM 78  C CA . THR A 1 82  ? 3.870   2.505   6.255   1.00 20.90 ? 82  THR A CA 1 
ATOM 79  C CA . LEU A 1 83  ? 6.588   1.826   8.731   1.00 20.00 ? 83  LEU A CA 1 
ATOM 80  C CA . ALA A 1 84  ? 8.712   4.625   6.902   1.00 20.40 ? 84  ALA A CA 1 
ATOM 81  C CA . TRP A 1 85  ? 7.763   7.786   4.922   1.00 19.70 ? 85  TRP A CA 1 
ATOM 82  C CA . HIS A 1 86  ? 8.426   11.455  4.218   1.00 19.20 ? 86  HIS A CA 1 
ATOM 83  C CA . SER A 1 87  ? 4.818   12.157  5.260   1.00 19.10 ? 87  SER A CA 1 
ATOM 84  C CA . GLN A 1 88  ? 2.661   12.329  8.320   1.00 19.70 ? 88  GLN A CA 1 
ATOM 85  C CA . GLN A 1 89  ? 5.628   12.248  10.638  1.00 19.20 ? 89  GLN A CA 1 
ATOM 86  C CA . PRO A 1 90  ? 5.164   13.217  14.268  1.00 18.40 ? 90  PRO A CA 1 
ATOM 87  C CA . GLY A 1 91  ? 6.791   16.657  14.939  1.00 18.60 ? 91  GLY A CA 1 
ATOM 88  C CA . TRP A 1 92  ? 9.692   15.157  17.056  1.00 17.70 ? 92  TRP A CA 1 
ATOM 89  C CA . MET A 1 93  ? 10.727  13.098  14.022  1.00 18.20 ? 93  MET A CA 1 
ATOM 90  C CA . GLN A 1 94  ? 10.791  16.092  11.600  1.00 17.00 ? 94  GLN A CA 1 
ATOM 91  C CA . SER A 1 95  ? 13.196  17.729  14.063  1.00 19.00 ? 95  SER A CA 1 
ATOM 92  C CA . LEU A 1 96  ? 15.723  14.910  13.821  1.00 19.80 ? 96  LEU A CA 1 
ATOM 93  C CA . SER A 1 97  ? 18.429  14.508  11.185  1.00 20.50 ? 97  SER A CA 1 
ATOM 94  C CA . GLY A 1 98  ? 21.255  12.188  10.170  1.00 20.50 ? 98  GLY A CA 1 
ATOM 95  C CA . ARG A 1 99  ? 22.348  9.700   12.789  1.00 20.50 ? 99  ARG A CA 1 
ATOM 96  C CA . PRO A 1 100 ? 19.693  10.122  15.561  1.00 19.70 ? 100 PRO A CA 1 
ATOM 97  C CA . LEU A 1 101 ? 17.132  10.017  12.726  1.00 20.00 ? 101 LEU A CA 1 
ATOM 98  C CA . ARG A 1 102 ? 18.561  6.731   11.404  1.00 19.20 ? 102 ARG A CA 1 
ATOM 99  C CA . GLN A 1 103 ? 18.201  5.271   14.922  1.00 18.10 ? 103 GLN A CA 1 
ATOM 100 C CA . ALA A 1 104 ? 14.771  6.869   15.337  1.00 17.00 ? 104 ALA A CA 1 
ATOM 101 C CA . MET A 1 105 ? 13.666  5.138   12.059  1.00 16.40 ? 105 MET A CA 1 
ATOM 102 C CA . ILE A 1 106 ? 15.145  1.780   13.030  1.00 17.00 ? 106 ILE A CA 1 
ATOM 103 C CA . ASP A 1 107 ? 13.427  1.909   16.511  1.00 18.10 ? 107 ASP A CA 1 
ATOM 104 C CA . HIS A 1 108 ? 10.078  2.944   14.992  1.00 18.30 ? 108 HIS A CA 1 
ATOM 105 C CA . ILE A 1 109 ? 10.363  -0.101  12.622  1.00 17.60 ? 109 ILE A CA 1 
ATOM 106 C CA . ASN A 1 110 ? 11.298  -2.507  15.449  1.00 17.90 ? 110 ASN A CA 1 
ATOM 107 C CA . GLY A 1 111 ? 8.650   -1.129  17.823  1.00 18.80 ? 111 GLY A CA 1 
ATOM 108 C CA . VAL A 1 112 ? 5.678   -1.251  15.484  1.00 18.70 ? 112 VAL A CA 1 
ATOM 109 C CA . MET A 1 113 ? 6.651   -4.655  14.005  1.00 18.50 ? 113 MET A CA 1 
ATOM 110 C CA . ALA A 1 114 ? 7.055   -6.380  17.438  1.00 17.10 ? 114 ALA A CA 1 
ATOM 111 C CA . HIS A 1 115 ? 3.428   -5.460  18.192  1.00 16.10 ? 115 HIS A CA 1 
ATOM 112 C CA . TYR A 1 116 ? 2.170   -7.098  14.955  1.00 15.90 ? 116 TYR A CA 1 
ATOM 113 C CA . LYS A 1 117 ? 4.752   -9.918  14.630  1.00 18.40 ? 117 LYS A CA 1 
ATOM 114 C CA . GLY A 1 118 ? 3.503   -12.868 12.572  1.00 19.60 ? 118 GLY A CA 1 
ATOM 115 C CA . LYS A 1 119 ? 0.019   -11.265 12.431  1.00 20.30 ? 119 LYS A CA 1 
ATOM 116 C CA . ILE A 1 120 ? 0.627   -8.904  9.503   1.00 19.80 ? 120 ILE A CA 1 
ATOM 117 C CA . VAL A 1 121 ? 1.077   -10.647 6.100   1.00 19.40 ? 121 VAL A CA 1 
ATOM 118 C CA . GLN A 1 122 ? 2.704   -7.797  4.054   1.00 17.90 ? 122 GLN A CA 1 
ATOM 119 C CA . TRP A 1 123 ? 4.239   -4.479  5.050   1.00 16.60 ? 123 TRP A CA 1 
ATOM 120 C CA . ASP A 1 124 ? 4.823   -1.201  3.227   1.00 14.80 ? 124 ASP A CA 1 
ATOM 121 C CA . VAL A 1 125 ? 8.277   -0.659  4.782   1.00 14.50 ? 125 VAL A CA 1 
ATOM 122 C CA . VAL A 1 126 ? 9.307   2.267   2.607   1.00 15.40 ? 126 VAL A CA 1 
ATOM 123 C CA . ASN A 1 127 ? 6.778   4.592   1.065   1.00 16.40 ? 127 ASN A CA 1 
ATOM 124 C CA . GLU A 1 128 ? 6.954   7.108   -1.792  1.00 17.40 ? 128 GLU A CA 1 
ATOM 125 C CA . ALA A 1 129 ? 10.757  7.444   -2.024  1.00 17.70 ? 129 ALA A CA 1 
ATOM 126 C CA . PHE A 1 130 ? 10.898  8.817   -5.552  1.00 18.40 ? 130 PHE A CA 1 
ATOM 127 C CA . ALA A 1 131 ? 10.098  12.251  -6.866  1.00 19.80 ? 131 ALA A CA 1 
ATOM 128 C CA . ASP A 1 132 ? 7.630   12.749  -9.658  1.00 18.70 ? 132 ASP A CA 1 
ATOM 129 C CA . GLY A 1 133 ? 9.032   14.011  -12.978 1.00 17.90 ? 133 GLY A CA 1 
ATOM 130 C CA . SER A 1 134 ? 11.716  13.118  -15.483 1.00 18.40 ? 134 SER A CA 1 
ATOM 131 C CA . SER A 1 135 ? 14.784  13.146  -13.120 1.00 18.40 ? 135 SER A CA 1 
ATOM 132 C CA . GLY A 1 136 ? 14.158  9.719   -11.482 1.00 19.00 ? 136 GLY A CA 1 
ATOM 133 C CA . ALA A 1 137 ? 15.474  11.058  -8.257  1.00 18.30 ? 137 ALA A CA 1 
ATOM 134 C CA . ARG A 1 138 ? 14.788  10.464  -4.688  1.00 18.50 ? 138 ARG A CA 1 
ATOM 135 C CA . ARG A 1 139 ? 12.435  13.063  -3.302  1.00 17.90 ? 139 ARG A CA 1 
ATOM 136 C CA . ASP A 1 140 ? 13.790  15.269  -0.550  1.00 18.10 ? 140 ASP A CA 1 
ATOM 137 C CA . SER A 1 141 ? 13.206  14.395  3.044   1.00 17.50 ? 141 SER A CA 1 
ATOM 138 C CA . ASN A 1 142 ? 15.215  14.088  6.188   1.00 17.00 ? 142 ASN A CA 1 
ATOM 139 C CA . LEU A 1 143 ? 15.242  10.314  5.500   1.00 17.10 ? 143 LEU A CA 1 
ATOM 140 C CA . GLN A 1 144 ? 16.759  10.971  2.039   1.00 16.80 ? 144 GLN A CA 1 
ATOM 141 C CA . ARG A 1 145 ? 19.316  13.423  3.606   1.00 16.60 ? 145 ARG A CA 1 
ATOM 142 C CA . SER A 1 146 ? 20.331  10.707  6.183   1.00 17.30 ? 146 SER A CA 1 
ATOM 143 C CA . GLY A 1 147 ? 21.995  9.065   3.184   1.00 17.70 ? 147 GLY A CA 1 
ATOM 144 C CA . ASN A 1 148 ? 20.963  7.187   0.054   1.00 17.90 ? 148 ASN A CA 1 
ATOM 145 C CA . ASP A 1 149 ? 21.009  3.863   1.963   1.00 18.00 ? 149 ASP A CA 1 
ATOM 146 C CA . TRP A 1 150 ? 18.070  4.548   4.353   1.00 17.50 ? 150 TRP A CA 1 
ATOM 147 C CA . ILE A 1 151 ? 15.713  2.524   2.085   1.00 17.70 ? 151 ILE A CA 1 
ATOM 148 C CA . GLU A 1 152 ? 18.043  -0.517  2.437   1.00 19.90 ? 152 GLU A CA 1 
ATOM 149 C CA . VAL A 1 153 ? 18.375  0.022   6.252   1.00 20.70 ? 153 VAL A CA 1 
ATOM 150 C CA . ALA A 1 154 ? 14.554  -0.098  6.674   1.00 20.60 ? 154 ALA A CA 1 
ATOM 151 C CA . PHE A 1 155 ? 14.289  -3.355  4.649   1.00 21.00 ? 155 PHE A CA 1 
ATOM 152 C CA . ARG A 1 156 ? 17.107  -5.050  6.571   1.00 21.50 ? 156 ARG A CA 1 
ATOM 153 C CA . THR A 1 157 ? 15.515  -3.778  9.849   1.00 20.00 ? 157 THR A CA 1 
ATOM 154 C CA . ALA A 1 158 ? 12.010  -5.082  8.968   1.00 19.80 ? 158 ALA A CA 1 
ATOM 155 C CA . ARG A 1 159 ? 13.287  -8.491  7.834   1.00 19.70 ? 159 ARG A CA 1 
ATOM 156 C CA . ALA A 1 160 ? 15.001  -9.024  11.185  1.00 19.30 ? 160 ALA A CA 1 
ATOM 157 C CA . ALA A 1 161 ? 11.907  -7.776  13.041  1.00 19.80 ? 161 ALA A CA 1 
ATOM 158 C CA . ASP A 1 162 ? 9.360   -10.141 11.361  1.00 20.10 ? 162 ASP A CA 1 
ATOM 159 C CA . PRO A 1 163 ? 10.853  -12.805 9.139   1.00 19.20 ? 163 PRO A CA 1 
ATOM 160 C CA . SER A 1 164 ? 7.323   -13.981 8.123   1.00 18.80 ? 164 SER A CA 1 
ATOM 161 C CA . ALA A 1 165 ? 6.132   -10.665 6.732   1.00 18.40 ? 165 ALA A CA 1 
ATOM 162 C CA . LYS A 1 166 ? 6.366   -9.922  3.014   1.00 18.10 ? 166 LYS A CA 1 
ATOM 163 C CA . LEU A 1 167 ? 8.240   -6.592  2.719   1.00 17.60 ? 167 LEU A CA 1 
ATOM 164 C CA . CYS A 1 168 ? 7.163   -4.163  -0.001  1.00 17.70 ? 168 CYS A CA 1 
ATOM 165 C CA . TYR A 1 169 ? 8.271   -0.942  -1.439  1.00 16.50 ? 169 TYR A CA 1 
ATOM 166 C CA . ASN A 1 170 ? 5.225   1.262   -2.077  1.00 15.80 ? 170 ASN A CA 1 
ATOM 167 C CA . ASP A 1 171 ? 4.791   4.148   -4.572  1.00 15.20 ? 171 ASP A CA 1 
ATOM 168 C CA . TYR A 1 172 ? 2.425   6.041   -6.885  1.00 17.20 ? 172 TYR A CA 1 
ATOM 169 C CA . ASN A 1 173 ? 3.083   6.995   -10.515 1.00 18.70 ? 173 ASN A CA 1 
ATOM 170 C CA . VAL A 1 174 ? 5.096   3.858   -11.156 1.00 18.50 ? 174 VAL A CA 1 
ATOM 171 C CA . GLU A 1 175 ? 2.410   2.072   -13.261 1.00 17.90 ? 175 GLU A CA 1 
ATOM 172 C CA . ASN A 1 176 ? 3.403   3.254   -16.766 1.00 18.50 ? 176 ASN A CA 1 
ATOM 173 C CA . TRP A 1 177 ? 6.539   1.401   -18.029 1.00 19.80 ? 177 TRP A CA 1 
ATOM 174 C CA . THR A 1 178 ? 7.958   4.401   -20.026 1.00 22.40 ? 178 THR A CA 1 
ATOM 175 C CA . TRP A 1 179 ? 8.033   6.725   -16.953 1.00 24.00 ? 179 TRP A CA 1 
ATOM 176 C CA . ALA A 1 180 ? 11.402  7.835   -15.552 1.00 21.50 ? 180 ALA A CA 1 
ATOM 177 C CA . LYS A 1 181 ? 9.754   7.455   -12.128 1.00 19.70 ? 181 LYS A CA 1 
ATOM 178 C CA . THR A 1 182 ? 8.921   3.737   -12.774 1.00 18.30 ? 182 THR A CA 1 
ATOM 179 C CA . GLN A 1 183 ? 12.358  2.996   -14.221 1.00 19.90 ? 183 GLN A CA 1 
ATOM 180 C CA . ALA A 1 184 ? 13.975  4.648   -11.234 1.00 19.00 ? 184 ALA A CA 1 
ATOM 181 C CA . MET A 1 185 ? 12.143  2.070   -9.121  1.00 18.90 ? 185 MET A CA 1 
ATOM 182 C CA . TYR A 1 186 ? 12.814  -0.893  -11.384 1.00 17.40 ? 186 TYR A CA 1 
ATOM 183 C CA . ASN A 1 187 ? 16.531  -0.044  -11.179 1.00 18.50 ? 187 ASN A CA 1 
ATOM 184 C CA . MET A 1 188 ? 16.412  0.170   -7.358  1.00 18.90 ? 188 MET A CA 1 
ATOM 185 C CA . VAL A 1 189 ? 14.849  -3.288  -6.970  1.00 19.40 ? 189 VAL A CA 1 
ATOM 186 C CA . ARG A 1 190 ? 17.234  -5.141  -9.305  1.00 19.10 ? 190 ARG A CA 1 
ATOM 187 C CA . ASP A 1 191 ? 20.156  -3.447  -7.558  1.00 18.40 ? 191 ASP A CA 1 
ATOM 188 C CA . PHE A 1 192 ? 18.732  -4.564  -4.193  1.00 18.70 ? 192 PHE A CA 1 
ATOM 189 C CA . LYS A 1 193 ? 18.378  -8.094  -5.457  1.00 19.60 ? 193 LYS A CA 1 
ATOM 190 C CA . GLN A 1 194 ? 21.978  -8.604  -6.586  1.00 20.70 ? 194 GLN A CA 1 
ATOM 191 C CA . ARG A 1 195 ? 23.168  -7.065  -3.312  1.00 19.30 ? 195 ARG A CA 1 
ATOM 192 C CA . GLY A 1 196 ? 20.851  -9.192  -1.211  1.00 18.60 ? 196 GLY A CA 1 
ATOM 193 C CA . VAL A 1 197 ? 18.863  -6.273  0.285   1.00 18.70 ? 197 VAL A CA 1 
ATOM 194 C CA . PRO A 1 198 ? 15.661  -7.909  1.560   1.00 18.60 ? 198 PRO A CA 1 
ATOM 195 C CA . ILE A 1 199 ? 12.583  -6.968  -0.582  1.00 17.50 ? 199 ILE A CA 1 
ATOM 196 C CA . ASP A 1 200 ? 9.743   -9.420  -1.394  1.00 18.20 ? 200 ASP A CA 1 
ATOM 197 C CA . CYS A 1 201 ? 7.017   -7.289  -3.057  1.00 18.70 ? 201 CYS A CA 1 
ATOM 198 C CA . VAL A 1 202 ? 6.432   -3.951  -4.742  1.00 17.70 ? 202 VAL A CA 1 
ATOM 199 C CA . GLY A 1 203 ? 3.196   -2.073  -4.147  1.00 17.10 ? 203 GLY A CA 1 
ATOM 200 C CA . PHE A 1 204 ? 1.791   -0.156  -7.145  1.00 17.10 ? 204 PHE A CA 1 
ATOM 201 C CA . GLN A 1 205 ? -0.539  2.419   -5.431  1.00 17.40 ? 205 GLN A CA 1 
ATOM 202 C CA . SER A 1 206 ? -2.968  2.514   -8.368  1.00 18.90 ? 206 SER A CA 1 
ATOM 203 C CA . HIS A 1 207 ? -4.321  6.020   -8.296  1.00 18.70 ? 207 HIS A CA 1 
ATOM 204 C CA . PHE A 1 208 ? -5.314  6.466   -11.932 1.00 17.70 ? 208 PHE A CA 1 
ATOM 205 C CA . ASN A 1 209 ? -6.827  9.838   -12.842 1.00 18.80 ? 209 ASN A CA 1 
ATOM 206 C CA . SER A 1 210 ? -6.533  12.346  -15.772 1.00 19.70 ? 210 SER A CA 1 
ATOM 207 C CA . GLY A 1 211 ? -2.934  13.347  -14.883 1.00 19.80 ? 211 GLY A CA 1 
ATOM 208 C CA . SER A 1 212 ? -1.870  9.662   -14.563 1.00 19.80 ? 212 SER A CA 1 
ATOM 209 C CA . PRO A 1 213 ? -4.044  7.625   -16.957 1.00 19.80 ? 213 PRO A CA 1 
ATOM 210 C CA . TYR A 1 214 ? -3.935  3.842   -16.982 1.00 20.60 ? 214 TYR A CA 1 
ATOM 211 C CA . ASN A 1 215 ? -1.981  2.402   -19.936 1.00 21.60 ? 215 ASN A CA 1 
ATOM 212 C CA . SER A 1 216 ? -2.163  -1.127  -21.405 1.00 21.50 ? 216 SER A CA 1 
ATOM 213 C CA . ASN A 1 217 ? 1.626   -1.392  -20.683 1.00 21.10 ? 217 ASN A CA 1 
ATOM 214 C CA . PHE A 1 218 ? 0.936   -1.557  -16.897 1.00 19.90 ? 218 PHE A CA 1 
ATOM 215 C CA . ARG A 1 219 ? 0.924   -5.355  -17.322 1.00 19.90 ? 219 ARG A CA 1 
ATOM 216 C CA . THR A 1 220 ? 4.477   -5.106  -18.749 1.00 18.90 ? 220 THR A CA 1 
ATOM 217 C CA . THR A 1 221 ? 5.374   -3.295  -15.514 1.00 18.50 ? 221 THR A CA 1 
ATOM 218 C CA . LEU A 1 222 ? 3.824   -5.987  -13.331 1.00 18.40 ? 222 LEU A CA 1 
ATOM 219 C CA . GLN A 1 223 ? 5.210   -8.646  -15.696 1.00 18.10 ? 223 GLN A CA 1 
ATOM 220 C CA . ASN A 1 224 ? 8.749   -7.203  -15.760 1.00 18.00 ? 224 ASN A CA 1 
ATOM 221 C CA . PHE A 1 225 ? 9.018   -6.398  -11.995 1.00 17.80 ? 225 PHE A CA 1 
ATOM 222 C CA . ALA A 1 226 ? 7.728   -9.816  -11.001 1.00 18.40 ? 226 ALA A CA 1 
ATOM 223 C CA . ALA A 1 227 ? 10.461  -11.145 -13.271 1.00 19.20 ? 227 ALA A CA 1 
ATOM 224 C CA . LEU A 1 228 ? 13.213  -9.733  -10.953 1.00 19.20 ? 228 LEU A CA 1 
ATOM 225 C CA . GLY A 1 229 ? 12.217  -12.202 -8.190  1.00 19.40 ? 229 GLY A CA 1 
ATOM 226 C CA . VAL A 1 230 ? 9.608   -10.020 -6.297  1.00 17.70 ? 230 VAL A CA 1 
ATOM 227 C CA . ASP A 1 231 ? 5.799   -10.223 -5.819  1.00 16.70 ? 231 ASP A CA 1 
ATOM 228 C CA . VAL A 1 232 ? 3.637   -7.268  -6.969  1.00 17.20 ? 232 VAL A CA 1 
ATOM 229 C CA . ALA A 1 233 ? 0.403   -5.830  -5.628  1.00 17.50 ? 233 ALA A CA 1 
ATOM 230 C CA . ILE A 1 234 ? -2.106  -3.139  -6.599  1.00 17.40 ? 234 ILE A CA 1 
ATOM 231 C CA . THR A 1 235 ? -2.153  -1.660  -3.071  1.00 16.10 ? 235 THR A CA 1 
ATOM 232 C CA . GLU A 1 236 ? -4.358  1.493   -3.341  1.00 14.90 ? 236 GLU A CA 1 
ATOM 233 C CA . LEU A 1 237 ? -6.625  1.291   -6.382  1.00 15.80 ? 237 LEU A CA 1 
ATOM 234 C CA . ASP A 1 238 ? -8.840  4.267   -7.253  1.00 16.60 ? 238 ASP A CA 1 
ATOM 235 C CA . ILE A 1 239 ? -9.725  5.352   -10.805 1.00 15.50 ? 239 ILE A CA 1 
ATOM 236 C CA . GLN A 1 240 ? -11.115 8.849   -11.467 1.00 15.60 ? 240 GLN A CA 1 
ATOM 237 C CA . GLY A 1 241 ? -14.770 8.480   -12.623 1.00 16.00 ? 241 GLY A CA 1 
ATOM 238 C CA . ALA A 1 242 ? -14.654 4.736   -11.950 1.00 17.10 ? 242 ALA A CA 1 
ATOM 239 C CA . PRO A 1 243 ? -15.156 3.504   -15.543 1.00 17.50 ? 243 PRO A CA 1 
ATOM 240 C CA . ALA A 1 244 ? -15.892 -0.140  -16.066 1.00 18.40 ? 244 ALA A CA 1 
ATOM 241 C CA . SER A 1 245 ? -13.491 -0.348  -19.018 1.00 19.40 ? 245 SER A CA 1 
ATOM 242 C CA . THR A 1 246 ? -10.394 0.461   -16.974 1.00 19.00 ? 246 THR A CA 1 
ATOM 243 C CA . TYR A 1 247 ? -11.439 -1.341  -13.737 1.00 18.40 ? 247 TYR A CA 1 
ATOM 244 C CA . ALA A 1 248 ? -11.949 -4.621  -15.596 1.00 18.00 ? 248 ALA A CA 1 
ATOM 245 C CA . ASN A 1 249 ? -8.596  -3.938  -17.375 1.00 18.40 ? 249 ASN A CA 1 
ATOM 246 C CA . VAL A 1 250 ? -6.531  -3.563  -14.115 1.00 17.90 ? 250 VAL A CA 1 
ATOM 247 C CA . THR A 1 251 ? -8.210  -6.683  -12.807 1.00 18.70 ? 251 THR A CA 1 
ATOM 248 C CA . ASN A 1 252 ? -7.230  -8.707  -15.817 1.00 19.80 ? 252 ASN A CA 1 
ATOM 249 C CA . ASP A 1 253 ? -3.664  -7.218  -15.574 1.00 20.00 ? 253 ASP A CA 1 
ATOM 250 C CA . CYS A 1 254 ? -3.375  -8.701  -12.100 1.00 21.10 ? 254 CYS A CA 1 
ATOM 251 C CA . LEU A 1 255 ? -5.124  -11.761 -13.587 1.00 22.00 ? 255 LEU A CA 1 
ATOM 252 C CA . ALA A 1 256 ? -2.378  -12.025 -16.042 1.00 22.20 ? 256 ALA A CA 1 
ATOM 253 C CA . VAL A 1 257 ? 0.696   -12.042 -13.768 1.00 20.60 ? 257 VAL A CA 1 
ATOM 254 C CA . SER A 1 258 ? 1.379   -15.393 -12.061 1.00 20.10 ? 258 SER A CA 1 
ATOM 255 C CA . ARG A 1 259 ? 3.175   -13.689 -9.120  1.00 19.80 ? 259 ARG A CA 1 
ATOM 256 C CA . CYS A 1 260 ? 0.443   -10.840 -8.709  1.00 20.00 ? 260 CYS A CA 1 
ATOM 257 C CA . LEU A 1 261 ? -0.935  -11.231 -5.093  1.00 18.60 ? 261 LEU A CA 1 
ATOM 258 C CA . GLY A 1 262 ? -4.076  -9.145  -5.467  1.00 19.40 ? 262 GLY A CA 1 
ATOM 259 C CA . ILE A 1 263 ? -5.837  -5.783  -5.365  1.00 18.60 ? 263 ILE A CA 1 
ATOM 260 C CA . THR A 1 264 ? -6.849  -3.296  -2.651  1.00 17.90 ? 264 THR A CA 1 
ATOM 261 C CA . VAL A 1 265 ? -9.444  -0.525  -3.376  1.00 18.40 ? 265 VAL A CA 1 
ATOM 262 C CA . TRP A 1 266 ? -8.839  2.751   -1.469  1.00 18.30 ? 266 TRP A CA 1 
ATOM 263 C CA . GLY A 1 267 ? -12.115 3.000   0.597   1.00 18.30 ? 267 GLY A CA 1 
ATOM 264 C CA . VAL A 1 268 ? -15.614 1.455   0.299   1.00 17.80 ? 268 VAL A CA 1 
ATOM 265 C CA . ARG A 1 269 ? -18.208 4.011   -1.004  1.00 19.60 ? 269 ARG A CA 1 
ATOM 266 C CA . ASP A 1 270 ? -17.331 7.189   -2.971  1.00 19.50 ? 270 ASP A CA 1 
ATOM 267 C CA . SER A 1 271 ? -18.098 9.277   0.186   1.00 19.40 ? 271 SER A CA 1 
ATOM 268 C CA . ASP A 1 272 ? -15.284 7.275   1.940   1.00 19.00 ? 272 ASP A CA 1 
ATOM 269 C CA . SER A 1 273 ? -12.561 8.137   -0.582  1.00 18.20 ? 273 SER A CA 1 
ATOM 270 C CA . TRP A 1 274 ? -9.926  10.819  -0.181  1.00 18.90 ? 274 TRP A CA 1 
ATOM 271 C CA . ARG A 1 275 ? -11.086 12.011  -3.595  1.00 20.70 ? 275 ARG A CA 1 
ATOM 272 C CA . SER A 1 276 ? -14.819 11.518  -2.974  1.00 21.70 ? 276 SER A CA 1 
ATOM 273 C CA . GLU A 1 277 ? -15.388 14.374  -5.462  1.00 23.30 ? 277 GLU A CA 1 
ATOM 274 C CA . GLN A 1 278 ? -13.654 12.318  -8.182  1.00 21.70 ? 278 GLN A CA 1 
ATOM 275 C CA . THR A 1 279 ? -16.120 9.298   -7.902  1.00 19.40 ? 279 THR A CA 1 
ATOM 276 C CA . PRO A 1 280 ? -13.383 6.619   -7.953  1.00 19.30 ? 280 PRO A CA 1 
ATOM 277 C CA . LEU A 1 281 ? -14.637 3.535   -6.029  1.00 19.40 ? 281 LEU A CA 1 
ATOM 278 C CA . LEU A 1 282 ? -17.057 0.653   -6.798  1.00 18.50 ? 282 LEU A CA 1 
ATOM 279 C CA . PHE A 1 283 ? -19.855 1.540   -4.267  1.00 18.40 ? 283 PHE A CA 1 
ATOM 280 C CA . ASN A 1 284 ? -22.077 4.628   -4.193  1.00 19.90 ? 284 ASN A CA 1 
ATOM 281 C CA . ASN A 1 285 ? -22.739 6.578   -0.999  1.00 21.50 ? 285 ASN A CA 1 
ATOM 282 C CA . ASP A 1 286 ? -26.024 4.711   -0.484  1.00 22.40 ? 286 ASP A CA 1 
ATOM 283 C CA . GLY A 1 287 ? -24.040 1.412   -0.424  1.00 21.50 ? 287 GLY A CA 1 
ATOM 284 C CA . SER A 1 288 ? -25.143 0.125   -3.822  1.00 20.30 ? 288 SER A CA 1 
ATOM 285 C CA . LYS A 1 289 ? -23.072 -1.289  -6.648  1.00 20.40 ? 289 LYS A CA 1 
ATOM 286 C CA . LYS A 1 290 ? -21.795 0.902   -9.390  1.00 20.40 ? 290 LYS A CA 1 
ATOM 287 C CA . ALA A 1 291 ? -21.439 -0.404  -12.873 1.00 19.90 ? 291 ALA A CA 1 
ATOM 288 C CA . ALA A 1 292 ? -17.639 -0.703  -12.318 1.00 19.20 ? 292 ALA A CA 1 
ATOM 289 C CA . TYR A 1 293 ? -18.212 -3.255  -9.472  1.00 19.30 ? 293 TYR A CA 1 
ATOM 290 C CA . THR A 1 294 ? -20.041 -5.738  -11.728 1.00 18.60 ? 294 THR A CA 1 
ATOM 291 C CA . ALA A 1 295 ? -17.276 -5.362  -14.359 1.00 17.80 ? 295 ALA A CA 1 
ATOM 292 C CA . VAL A 1 296 ? -14.625 -6.233  -11.708 1.00 17.10 ? 296 VAL A CA 1 
ATOM 293 C CA . LEU A 1 297 ? -16.539 -9.247  -10.505 1.00 19.40 ? 297 LEU A CA 1 
ATOM 294 C CA . ASP A 1 298 ? -16.998 -10.770 -13.983 1.00 21.80 ? 298 ASP A CA 1 
ATOM 295 C CA . ALA A 1 299 ? -13.297 -10.341 -14.779 1.00 22.60 ? 299 ALA A CA 1 
# 
